data_8T3S
#
_entry.id   8T3S
#
_cell.length_a   1.00
_cell.length_b   1.00
_cell.length_c   1.00
_cell.angle_alpha   90.00
_cell.angle_beta   90.00
_cell.angle_gamma   90.00
#
_symmetry.space_group_name_H-M   'P 1'
#
loop_
_entity.id
_entity.type
_entity.pdbx_description
1 polymer 'Guanine nucleotide-binding protein G(q) subunit alpha'
2 polymer 'Guanine nucleotide-binding protein G(I)/G(S)/G(T) subunit beta-1'
3 polymer 'Guanine nucleotide-binding protein G(I)/G(S)/G(O) subunit gamma-2'
4 polymer scFv16
5 polymer 'Free fatty acid receptor 2'
6 non-polymer 'butanoic acid'
7 non-polymer CHOLESTEROL
8 non-polymer 'PALMITIC ACID'
#
loop_
_entity_poly.entity_id
_entity_poly.type
_entity_poly.pdbx_seq_one_letter_code
_entity_poly.pdbx_strand_id
1 'polypeptide(L)'
;VSAEDKAAAERSKMIDKNLREDGEKARRTLRLLLLGADNSGKSTIVKQMTSGIFETKFQVDKVNFHMFDVGGQRDERRKW
IQCFNDVTAIIFVVDSSDYNRLQEALNDFKSIWNNRWLRTISVILFLNKQDLLAEKVLAGKSKIEDYFPEFARYTTPEDA
TPEPGEDPRVTRAKYFIRKEFVDISTASGDGRHICYPHFTCAVDTENARRIFNDCKDIILQMNLREYNLV
;
A
2 'polypeptide(L)'
;SELDQLRQEAEQLKNQIRDARKACADATLSQITNNIDPVGRIQMRTRRTLRGHLAKIYAMHWGTDSRLLVSASQDGKLII
WDSYTTNKVHAIPLRSSWVMTCAYAPSGNYVACGGLDNICSIYNLKTREGNVRVSRELAGHTGYLSCCRFLDDNQIVTSS
GDTTCALWDIETGQQTTTFTGHTGDVMSLSLAPDTRLFVSGACDASAKLWDVREGMCRQTFTGHESDINAICFFPNGNAF
ATGSDDATCRLFDLRADQELMTYSHDNIICGITSVSFSKSGRLLLAGYDDFNCNVWDALKADRAGVLAGHDNRVSCLGVT
DDGMAVATGSWDSFLKIWNGSS
;
B
3 'polypeptide(L)' TASIAQARKLVEQLKMEANIDRIKVSKAAADLMAYCEAHAKEDPLLTPVPASENPFR G
4 'polypeptide(L)'
;VQLVESGGGLVQPGGSRKLSCSASGFAFSSFGMHWVRQAPEKGLEWVAYISSGSGTIYYADTVKGRFTISRDDPKNTLFL
QMTSLRSEDTAMYYCVRSIYYYGSSPFDFWGQGTTLTVSAADIVMTQATSSVPVTPGESVSISCRSSKSLLHSNGNTYLY
WFLQRPGQSPQLLIYRMSNLASGVPDRFSGSGSGTAFTLTISRLEAEDVGVYYCMQHLEYPLTFGAGTKLEL
;
N
5 'polypeptide(L)'
;PDWKSSLILMAYIIIFLTGLPANLLALRAFVGRIRQPQPAPVHILLLSLTLADLLLLLLLPFKIIEAASNLPKVVCALTS
FGFYSSIYCSTWLLAGISIERYLGVAFPVQYKLSRRPLYGVIAALVAWVMSFGHCTIVIIVQYLCYENFTDNQLDVVLPV
RLELCLVLFFIPMAVTIFCYWRFVWIMLSQPGAQRRRRAVGLAVVTLLNFLVCFGPYNVSHLVGYHQRKSPWWRSIAVVF
SSLNASLDPLLFYFSSSV
;
R
#
# COMPACT_ATOMS: atom_id res chain seq x y z
N VAL A 1 -14.11 -21.51 -8.75
CA VAL A 1 -13.63 -21.45 -7.38
C VAL A 1 -14.58 -22.18 -6.44
N SER A 2 -14.04 -22.69 -5.34
CA SER A 2 -14.83 -23.46 -4.39
C SER A 2 -15.70 -22.54 -3.54
N ALA A 3 -16.61 -23.15 -2.79
CA ALA A 3 -17.49 -22.38 -1.91
C ALA A 3 -16.70 -21.68 -0.82
N GLU A 4 -15.73 -22.38 -0.23
CA GLU A 4 -14.88 -21.76 0.78
C GLU A 4 -14.06 -20.64 0.17
N ASP A 5 -13.54 -20.83 -1.04
CA ASP A 5 -12.81 -19.76 -1.70
C ASP A 5 -13.71 -18.58 -2.02
N LYS A 6 -14.97 -18.84 -2.41
CA LYS A 6 -15.91 -17.76 -2.64
C LYS A 6 -16.18 -16.96 -1.37
N ALA A 7 -16.35 -17.65 -0.24
CA ALA A 7 -16.56 -16.96 1.02
C ALA A 7 -15.32 -16.20 1.46
N ALA A 8 -14.14 -16.75 1.19
CA ALA A 8 -12.90 -16.02 1.48
C ALA A 8 -12.79 -14.77 0.63
N ALA A 9 -13.18 -14.85 -0.64
CA ALA A 9 -13.19 -13.66 -1.49
C ALA A 9 -14.18 -12.63 -0.99
N GLU A 10 -15.34 -13.07 -0.52
CA GLU A 10 -16.30 -12.13 0.08
C GLU A 10 -15.74 -11.46 1.32
N ARG A 11 -15.03 -12.24 2.16
CA ARG A 11 -14.37 -11.65 3.32
C ARG A 11 -13.33 -10.63 2.91
N SER A 12 -12.56 -10.94 1.86
CA SER A 12 -11.57 -9.99 1.35
C SER A 12 -12.24 -8.71 0.84
N LYS A 13 -13.39 -8.86 0.18
CA LYS A 13 -14.12 -7.67 -0.28
C LYS A 13 -14.60 -6.83 0.90
N MET A 14 -15.08 -7.47 1.96
CA MET A 14 -15.49 -6.73 3.14
C MET A 14 -14.29 -6.03 3.80
N ILE A 15 -13.14 -6.71 3.82
CA ILE A 15 -11.93 -6.09 4.35
C ILE A 15 -11.54 -4.88 3.52
N ASP A 16 -11.64 -4.99 2.19
CA ASP A 16 -11.37 -3.87 1.30
C ASP A 16 -12.32 -2.71 1.57
N LYS A 17 -13.60 -3.01 1.78
CA LYS A 17 -14.57 -1.95 2.06
C LYS A 17 -14.24 -1.23 3.35
N ASN A 18 -13.92 -1.99 4.41
CA ASN A 18 -13.55 -1.37 5.68
C ASN A 18 -12.26 -0.56 5.53
N LEU A 19 -11.30 -1.07 4.77
CA LEU A 19 -10.06 -0.36 4.54
C LEU A 19 -10.30 0.96 3.83
N ARG A 20 -11.13 0.95 2.80
CA ARG A 20 -11.44 2.18 2.06
C ARG A 20 -12.17 3.18 2.94
N GLU A 21 -13.12 2.71 3.76
CA GLU A 21 -13.80 3.61 4.67
C GLU A 21 -12.83 4.25 5.65
N ASP A 22 -11.91 3.46 6.22
CA ASP A 22 -10.94 4.01 7.15
C ASP A 22 -10.02 5.01 6.46
N GLY A 23 -9.59 4.70 5.24
CA GLY A 23 -8.73 5.63 4.52
C GLY A 23 -9.42 6.93 4.19
N GLU A 24 -10.69 6.85 3.78
CA GLU A 24 -11.46 8.08 3.50
C GLU A 24 -11.65 8.89 4.77
N LYS A 25 -11.90 8.23 5.90
CA LYS A 25 -12.03 8.94 7.16
C LYS A 25 -10.74 9.62 7.57
N ALA A 26 -9.60 8.96 7.34
CA ALA A 26 -8.30 9.49 7.74
C ALA A 26 -7.69 10.44 6.71
N ARG A 27 -8.30 10.57 5.54
CA ARG A 27 -7.77 11.46 4.50
C ARG A 27 -8.19 12.91 4.68
N ARG A 28 -9.13 13.19 5.58
CA ARG A 28 -9.63 14.55 5.76
C ARG A 28 -8.76 15.39 6.69
N THR A 29 -7.73 14.82 7.28
CA THR A 29 -6.85 15.53 8.20
C THR A 29 -5.52 15.84 7.54
N LEU A 30 -5.00 17.04 7.83
CA LEU A 30 -3.72 17.48 7.29
C LEU A 30 -2.62 17.18 8.29
N ARG A 31 -1.60 16.44 7.86
CA ARG A 31 -0.53 16.00 8.73
C ARG A 31 0.66 16.95 8.60
N LEU A 32 1.19 17.38 9.74
CA LEU A 32 2.33 18.29 9.81
C LEU A 32 3.49 17.60 10.52
N LEU A 33 4.54 18.36 10.79
CA LEU A 33 5.71 17.82 11.46
C LEU A 33 6.41 18.94 12.22
N LEU A 34 6.50 18.80 13.53
CA LEU A 34 7.19 19.77 14.38
C LEU A 34 8.67 19.43 14.44
N LEU A 35 9.51 20.41 14.14
CA LEU A 35 10.95 20.25 14.24
C LEU A 35 11.54 21.49 14.89
N GLY A 36 12.67 21.32 15.54
CA GLY A 36 13.33 22.42 16.22
C GLY A 36 14.36 21.90 17.19
N ALA A 37 14.77 22.77 18.11
CA ALA A 37 15.79 22.37 19.10
C ALA A 37 15.13 22.29 20.46
N ASP A 38 15.94 22.33 21.52
CA ASP A 38 15.36 22.33 22.88
C ASP A 38 14.99 23.76 23.26
N ASN A 39 15.75 24.73 22.75
CA ASN A 39 15.51 26.15 23.12
C ASN A 39 14.49 26.78 22.18
N SER A 40 13.93 26.01 21.25
CA SER A 40 13.05 26.59 20.21
C SER A 40 11.69 27.00 20.76
N GLY A 41 11.14 26.23 21.70
CA GLY A 41 9.78 26.50 22.11
C GLY A 41 8.73 25.86 21.23
N LYS A 42 8.96 24.62 20.78
CA LYS A 42 8.04 23.97 19.87
C LYS A 42 6.68 23.72 20.53
N SER A 43 6.73 23.22 21.75
CA SER A 43 5.48 22.79 22.43
C SER A 43 4.45 23.91 22.53
N THR A 44 4.88 25.17 22.48
CA THR A 44 3.91 26.27 22.72
C THR A 44 3.50 26.95 21.41
N ILE A 45 4.01 26.48 20.26
CA ILE A 45 3.70 27.22 19.01
C ILE A 45 2.18 27.23 18.77
N VAL A 46 1.52 26.08 18.77
CA VAL A 46 0.08 26.06 18.42
C VAL A 46 -0.76 26.61 19.59
N LYS A 47 -0.41 26.28 20.83
CA LYS A 47 -1.18 26.74 22.03
C LYS A 47 -2.59 26.12 21.98
N GLN A 48 -2.75 24.97 21.35
CA GLN A 48 -4.05 24.24 21.33
C GLN A 48 -3.76 22.77 21.06
N MET A 49 -4.40 21.85 21.79
CA MET A 49 -4.20 20.40 21.50
C MET A 49 -5.56 19.69 21.52
N THR A 50 2.40 7.87 20.86
CA THR A 50 1.91 8.16 22.20
C THR A 50 2.99 8.81 23.05
N SER A 51 4.01 8.02 23.41
CA SER A 51 5.13 8.49 24.22
C SER A 51 6.37 8.75 23.40
N GLY A 52 6.74 7.83 22.50
CA GLY A 52 7.91 8.03 21.67
C GLY A 52 7.72 9.08 20.58
N ILE A 53 6.48 9.37 20.22
CA ILE A 53 6.15 10.37 19.21
C ILE A 53 4.92 11.14 19.70
N PHE A 54 5.09 12.42 19.97
CA PHE A 54 3.97 13.23 20.43
C PHE A 54 3.08 13.64 19.26
N GLU A 55 1.80 13.83 19.55
CA GLU A 55 0.83 14.22 18.54
C GLU A 55 -0.03 15.35 19.06
N THR A 56 -0.47 16.21 18.15
CA THR A 56 -1.31 17.35 18.49
C THR A 56 -2.41 17.47 17.43
N LYS A 57 -3.64 17.70 17.88
CA LYS A 57 -4.79 17.82 16.99
C LYS A 57 -5.46 19.16 17.25
N PHE A 58 -5.21 20.13 16.37
CA PHE A 58 -5.88 21.42 16.41
C PHE A 58 -6.63 21.66 15.11
N GLN A 59 -7.84 22.17 15.21
CA GLN A 59 -8.71 22.38 14.07
C GLN A 59 -9.01 23.86 13.92
N VAL A 60 -8.84 24.38 12.70
CA VAL A 60 -9.13 25.77 12.37
C VAL A 60 -9.89 25.80 11.06
N ASP A 61 -10.97 26.59 11.03
CA ASP A 61 -11.82 26.71 9.84
C ASP A 61 -12.33 25.35 9.37
N LYS A 62 -12.71 24.51 10.33
CA LYS A 62 -13.26 23.18 10.07
C LYS A 62 -12.28 22.30 9.28
N VAL A 63 -10.98 22.53 9.47
CA VAL A 63 -9.94 21.73 8.86
C VAL A 63 -9.09 21.13 9.97
N ASN A 64 -8.96 19.81 9.98
CA ASN A 64 -8.25 19.11 11.05
C ASN A 64 -6.77 19.04 10.71
N PHE A 65 -5.94 19.51 11.63
CA PHE A 65 -4.49 19.44 11.50
C PHE A 65 -3.92 18.42 12.47
N HIS A 66 -2.86 17.73 12.11
CA HIS A 66 -2.23 16.78 13.04
C HIS A 66 -0.74 17.02 13.07
N MET A 67 -0.19 17.58 14.16
CA MET A 67 1.24 17.94 14.20
C MET A 67 2.03 16.87 14.94
N PHE A 68 2.95 16.20 14.27
CA PHE A 68 3.68 15.08 14.88
C PHE A 68 5.02 15.52 15.44
N ASP A 69 5.06 15.98 16.68
CA ASP A 69 6.30 16.40 17.33
C ASP A 69 7.04 15.15 17.79
N VAL A 70 8.11 14.81 17.09
CA VAL A 70 8.87 13.60 17.40
C VAL A 70 9.78 13.91 18.58
N GLY A 71 9.45 13.37 19.75
CA GLY A 71 10.25 13.59 20.94
C GLY A 71 10.88 12.31 21.45
N GLY A 72 12.20 12.25 21.40
CA GLY A 72 12.91 11.07 21.85
C GLY A 72 13.94 10.59 20.85
N GLN A 73 14.03 9.26 20.67
CA GLN A 73 15.02 8.65 19.79
C GLN A 73 16.41 9.11 20.15
N ARG A 74 17.06 9.85 19.24
CA ARG A 74 18.39 10.39 19.47
C ARG A 74 18.43 11.80 18.91
N ASP A 75 19.64 12.37 18.81
CA ASP A 75 19.77 13.72 18.29
C ASP A 75 19.62 13.77 16.78
N GLU A 76 20.03 12.71 16.08
CA GLU A 76 20.00 12.70 14.63
C GLU A 76 18.61 12.33 14.11
N ARG A 77 18.17 13.07 13.09
CA ARG A 77 16.88 12.84 12.44
C ARG A 77 17.04 12.38 11.00
N ARG A 78 18.22 11.88 10.64
CA ARG A 78 18.49 11.55 9.24
C ARG A 78 17.59 10.43 8.74
N LYS A 79 17.36 9.41 9.55
CA LYS A 79 16.75 8.18 9.08
C LYS A 79 15.25 8.11 9.27
N TRP A 80 14.72 8.56 10.41
CA TRP A 80 13.29 8.47 10.63
C TRP A 80 12.51 9.57 9.91
N ILE A 81 13.19 10.53 9.29
CA ILE A 81 12.50 11.57 8.54
C ILE A 81 11.88 11.04 7.25
N GLN A 82 12.24 9.82 6.84
CA GLN A 82 11.64 9.24 5.65
C GLN A 82 10.14 9.04 5.81
N CYS A 83 9.69 8.73 7.03
CA CYS A 83 8.28 8.48 7.26
C CYS A 83 7.44 9.71 6.96
N PHE A 84 7.94 10.89 7.32
CA PHE A 84 7.21 12.15 7.12
C PHE A 84 7.48 12.71 5.73
N ASN A 85 7.13 11.91 4.73
CA ASN A 85 7.25 12.30 3.34
C ASN A 85 5.92 12.73 2.73
N ASP A 86 4.80 12.29 3.29
CA ASP A 86 3.49 12.63 2.79
C ASP A 86 2.83 13.78 3.55
N VAL A 87 3.53 14.38 4.52
CA VAL A 87 2.97 15.50 5.26
C VAL A 87 2.76 16.68 4.32
N THR A 88 1.87 17.60 4.73
CA THR A 88 1.63 18.79 3.92
C THR A 88 2.74 19.82 4.09
N ALA A 89 3.29 19.96 5.28
CA ALA A 89 4.32 20.95 5.55
C ALA A 89 5.14 20.52 6.75
N ILE A 90 6.32 21.11 6.90
CA ILE A 90 7.18 20.90 8.05
C ILE A 90 7.25 22.22 8.81
N ILE A 91 6.85 22.19 10.08
CA ILE A 91 6.83 23.38 10.92
C ILE A 91 8.15 23.41 11.69
N PHE A 92 9.07 24.25 11.24
CA PHE A 92 10.38 24.38 11.85
C PHE A 92 10.37 25.59 12.78
N VAL A 93 10.49 25.35 14.08
CA VAL A 93 10.55 26.42 15.06
C VAL A 93 12.00 26.64 15.47
N VAL A 94 12.47 27.88 15.38
CA VAL A 94 13.86 28.22 15.67
C VAL A 94 13.89 29.35 16.69
N ASP A 95 14.75 29.20 17.70
CA ASP A 95 14.96 30.24 18.70
C ASP A 95 15.82 31.33 18.07
N SER A 96 15.14 32.27 17.40
CA SER A 96 15.81 33.35 16.69
C SER A 96 16.49 34.33 17.64
N SER A 97 16.15 34.31 18.93
CA SER A 97 16.71 35.29 19.86
C SER A 97 18.17 34.99 20.16
N ASP A 98 18.46 33.80 20.68
CA ASP A 98 19.81 33.48 21.07
C ASP A 98 20.68 33.25 19.84
N TYR A 99 21.83 33.94 19.79
CA TYR A 99 22.76 33.83 18.68
C TYR A 99 23.86 32.80 18.92
N ASN A 100 23.98 32.27 20.15
CA ASN A 100 25.06 31.33 20.42
C ASN A 100 24.90 30.06 19.61
N ARG A 101 23.69 29.52 19.53
CA ARG A 101 23.40 28.33 18.74
C ARG A 101 22.49 28.62 17.55
N LEU A 102 22.35 29.90 17.18
CA LEU A 102 21.55 30.23 16.01
C LEU A 102 22.17 29.67 14.73
N GLN A 103 23.49 29.67 14.63
CA GLN A 103 24.15 29.07 13.48
C GLN A 103 23.91 27.57 13.45
N GLU A 104 23.86 26.92 14.61
CA GLU A 104 23.54 25.50 14.66
C GLU A 104 22.15 25.23 14.09
N ALA A 105 21.18 26.07 14.44
CA ALA A 105 19.85 25.95 13.86
C ALA A 105 19.87 26.26 12.36
N LEU A 106 20.77 27.15 11.94
CA LEU A 106 20.89 27.44 10.51
C LEU A 106 21.37 26.22 9.73
N ASN A 107 22.36 25.50 10.28
CA ASN A 107 22.76 24.25 9.64
C ASN A 107 21.68 23.19 9.77
N ASP A 108 20.88 23.25 10.84
CA ASP A 108 19.75 22.33 10.97
C ASP A 108 18.75 22.53 9.85
N PHE A 109 18.48 23.80 9.49
CA PHE A 109 17.58 24.08 8.38
C PHE A 109 18.14 23.55 7.07
N LYS A 110 19.45 23.71 6.84
CA LYS A 110 20.06 23.21 5.62
C LYS A 110 19.94 21.70 5.51
N SER A 111 20.16 20.98 6.61
CA SER A 111 20.07 19.53 6.59
C SER A 111 18.64 19.05 6.39
N ILE A 112 17.66 19.89 6.65
CA ILE A 112 16.26 19.55 6.45
C ILE A 112 15.76 20.00 5.08
N TRP A 113 16.14 21.22 4.66
CA TRP A 113 15.72 21.72 3.37
C TRP A 113 16.29 20.86 2.23
N ASN A 114 17.54 20.45 2.36
CA ASN A 114 18.22 19.71 1.31
C ASN A 114 18.07 18.19 1.43
N ASN A 115 17.17 17.73 2.30
CA ASN A 115 16.95 16.30 2.45
C ASN A 115 16.40 15.71 1.16
N ARG A 116 16.83 14.49 0.85
CA ARG A 116 16.39 13.86 -0.39
C ARG A 116 14.89 13.56 -0.38
N TRP A 117 14.35 13.18 0.77
CA TRP A 117 12.93 12.85 0.86
C TRP A 117 12.06 14.03 1.25
N LEU A 118 12.63 15.22 1.41
CA LEU A 118 11.88 16.43 1.70
C LEU A 118 12.05 17.46 0.60
N ARG A 119 12.30 16.98 -0.63
CA ARG A 119 12.48 17.87 -1.77
C ARG A 119 11.17 18.49 -2.23
N THR A 120 10.03 17.86 -1.96
CA THR A 120 8.73 18.38 -2.34
C THR A 120 7.95 18.86 -1.13
N ILE A 121 8.62 19.11 -0.02
CA ILE A 121 7.98 19.45 1.25
C ILE A 121 8.40 20.86 1.63
N SER A 122 7.43 21.76 1.74
CA SER A 122 7.72 23.13 2.12
C SER A 122 7.76 23.28 3.64
N VAL A 123 8.54 24.24 4.10
CA VAL A 123 8.79 24.43 5.53
C VAL A 123 8.08 25.70 5.98
N ILE A 124 7.25 25.58 7.00
CA ILE A 124 6.60 26.75 7.60
C ILE A 124 7.50 27.20 8.74
N LEU A 125 8.47 28.04 8.40
CA LEU A 125 9.44 28.50 9.38
C LEU A 125 8.80 29.39 10.43
N PHE A 126 9.15 29.17 11.69
CA PHE A 126 8.64 29.95 12.80
C PHE A 126 9.83 30.45 13.61
N LEU A 127 10.06 31.76 13.58
CA LEU A 127 11.14 32.39 14.34
C LEU A 127 10.57 32.80 15.69
N ASN A 128 10.74 31.95 16.70
CA ASN A 128 10.12 32.13 18.00
C ASN A 128 10.86 33.19 18.81
N LYS A 129 10.17 33.69 19.84
CA LYS A 129 10.75 34.57 20.86
C LYS A 129 11.32 35.84 20.24
N GLN A 130 10.45 36.61 19.59
CA GLN A 130 10.86 37.90 19.06
C GLN A 130 10.94 38.96 20.15
N ASP A 131 10.11 38.85 21.19
CA ASP A 131 10.07 39.88 22.23
C ASP A 131 11.37 39.94 23.00
N LEU A 132 11.85 38.79 23.49
CA LEU A 132 13.10 38.81 24.24
C LEU A 132 14.30 39.04 23.33
N LEU A 133 14.20 38.71 22.05
CA LEU A 133 15.21 39.14 21.09
C LEU A 133 15.26 40.66 21.01
N ALA A 134 14.09 41.31 20.97
CA ALA A 134 14.04 42.76 20.96
C ALA A 134 14.64 43.34 22.24
N GLU A 135 14.32 42.74 23.38
CA GLU A 135 14.91 43.21 24.63
C GLU A 135 16.43 43.07 24.63
N LYS A 136 16.92 41.93 24.14
CA LYS A 136 18.37 41.69 24.12
C LYS A 136 19.08 42.67 23.20
N VAL A 137 18.52 42.92 22.01
CA VAL A 137 19.19 43.83 21.07
C VAL A 137 19.07 45.27 21.55
N LEU A 138 17.98 45.63 22.23
CA LEU A 138 17.85 46.98 22.77
C LEU A 138 18.82 47.19 23.93
N ALA A 139 19.05 46.16 24.74
CA ALA A 139 20.01 46.28 25.83
C ALA A 139 21.42 46.52 25.31
N GLY A 140 21.80 45.84 24.23
CA GLY A 140 23.10 46.01 23.63
C GLY A 140 24.21 45.21 24.25
N LYS A 141 23.92 44.38 25.25
CA LYS A 141 24.97 43.55 25.86
C LYS A 141 25.53 42.56 24.85
N SER A 142 24.67 41.94 24.05
CA SER A 142 25.07 41.00 23.02
C SER A 142 24.69 41.55 21.65
N LYS A 143 25.63 41.58 20.73
CA LYS A 143 25.44 42.12 19.40
C LYS A 143 25.55 41.01 18.36
N ILE A 144 24.71 41.10 17.33
CA ILE A 144 24.74 40.11 16.25
C ILE A 144 26.05 40.18 15.48
N GLU A 145 26.61 41.39 15.33
CA GLU A 145 27.83 41.56 14.54
C GLU A 145 28.97 40.71 15.07
N ASP A 146 29.01 40.48 16.39
CA ASP A 146 30.06 39.64 16.95
C ASP A 146 29.97 38.21 16.43
N TYR A 147 28.75 37.67 16.34
CA TYR A 147 28.56 36.30 15.85
C TYR A 147 28.45 36.23 14.34
N PHE A 148 27.78 37.21 13.73
CA PHE A 148 27.64 37.26 12.27
C PHE A 148 28.35 38.50 11.75
N PRO A 149 29.54 38.36 11.14
CA PRO A 149 30.25 39.55 10.64
C PRO A 149 29.48 40.32 9.58
N GLU A 150 28.62 39.64 8.81
CA GLU A 150 27.89 40.30 7.74
C GLU A 150 26.79 41.23 8.25
N PHE A 151 26.45 41.17 9.54
CA PHE A 151 25.39 42.02 10.06
C PHE A 151 25.82 43.48 10.09
N ALA A 152 27.10 43.74 10.37
CA ALA A 152 27.58 45.12 10.41
C ALA A 152 27.45 45.79 9.06
N ARG A 153 27.77 45.07 7.98
CA ARG A 153 27.63 45.59 6.63
C ARG A 153 26.21 45.45 6.11
N TYR A 154 25.31 44.82 6.85
CA TYR A 154 23.94 44.61 6.40
C TYR A 154 23.08 45.83 6.70
N THR A 155 22.23 46.18 5.74
CA THR A 155 21.29 47.29 5.87
C THR A 155 19.89 46.76 5.59
N THR A 156 18.93 47.22 6.37
CA THR A 156 17.56 46.75 6.22
C THR A 156 17.04 47.04 4.82
N PRO A 157 16.34 46.10 4.18
CA PRO A 157 15.90 46.31 2.80
C PRO A 157 14.87 47.43 2.70
N GLU A 158 14.86 48.07 1.52
CA GLU A 158 13.91 49.14 1.27
C GLU A 158 12.49 48.57 1.14
N ASP A 159 11.52 49.42 1.43
CA ASP A 159 10.10 49.07 1.37
C ASP A 159 9.78 47.90 2.29
N ALA A 160 10.30 47.97 3.52
CA ALA A 160 9.99 46.97 4.54
C ALA A 160 8.61 47.24 5.13
N THR A 161 8.18 46.34 6.01
CA THR A 161 6.86 46.42 6.64
C THR A 161 7.02 46.29 8.15
N PRO A 162 7.44 47.36 8.83
CA PRO A 162 7.40 47.36 10.30
C PRO A 162 6.02 47.68 10.82
N GLU A 163 5.16 46.67 10.93
CA GLU A 163 3.76 46.89 11.28
C GLU A 163 3.57 47.68 12.58
N PRO A 164 4.22 47.35 13.70
CA PRO A 164 4.17 48.26 14.85
C PRO A 164 5.32 49.24 14.84
N GLY A 165 5.35 50.15 15.81
CA GLY A 165 6.45 51.10 15.91
C GLY A 165 7.70 50.49 16.51
N GLU A 166 8.30 49.54 15.80
CA GLU A 166 9.49 48.87 16.32
C GLU A 166 10.70 49.79 16.29
N ASP A 167 11.64 49.52 17.20
CA ASP A 167 12.93 50.19 17.14
C ASP A 167 13.65 49.76 15.86
N PRO A 168 14.31 50.69 15.17
CA PRO A 168 14.94 50.33 13.88
C PRO A 168 15.95 49.21 13.98
N ARG A 169 16.71 49.13 15.07
CA ARG A 169 17.65 48.02 15.24
C ARG A 169 16.92 46.70 15.38
N VAL A 170 15.77 46.70 16.08
CA VAL A 170 14.98 45.48 16.23
C VAL A 170 14.53 44.98 14.86
N THR A 171 13.99 45.89 14.05
CA THR A 171 13.52 45.51 12.71
C THR A 171 14.68 45.04 11.85
N ARG A 172 15.82 45.73 11.92
CA ARG A 172 16.97 45.33 11.10
C ARG A 172 17.47 43.96 11.50
N ALA A 173 17.49 43.65 12.80
CA ALA A 173 17.95 42.33 13.23
C ALA A 173 16.96 41.24 12.82
N LYS A 174 15.67 41.48 13.01
CA LYS A 174 14.67 40.49 12.61
C LYS A 174 14.73 40.24 11.11
N TYR A 175 14.86 41.30 10.31
CA TYR A 175 14.92 41.14 8.88
C TYR A 175 16.21 40.47 8.44
N PHE A 176 17.33 40.74 9.13
CA PHE A 176 18.57 40.06 8.80
C PHE A 176 18.46 38.57 9.04
N ILE A 177 17.89 38.17 10.18
CA ILE A 177 17.74 36.75 10.49
C ILE A 177 16.81 36.09 9.48
N ARG A 178 15.67 36.74 9.20
CA ARG A 178 14.72 36.19 8.24
C ARG A 178 15.34 36.07 6.85
N LYS A 179 16.12 37.06 6.44
CA LYS A 179 16.74 37.03 5.13
C LYS A 179 17.81 35.95 5.06
N GLU A 180 18.56 35.73 6.14
CA GLU A 180 19.52 34.62 6.15
C GLU A 180 18.80 33.29 5.98
N PHE A 181 17.68 33.11 6.69
CA PHE A 181 16.93 31.87 6.54
C PHE A 181 16.35 31.73 5.13
N VAL A 182 15.86 32.82 4.56
CA VAL A 182 15.34 32.79 3.19
C VAL A 182 16.44 32.41 2.21
N ASP A 183 17.63 32.99 2.38
CA ASP A 183 18.74 32.66 1.48
C ASP A 183 19.14 31.20 1.60
N ILE A 184 19.22 30.68 2.83
CA ILE A 184 19.61 29.27 2.99
C ILE A 184 18.52 28.35 2.45
N SER A 185 17.26 28.82 2.46
CA SER A 185 16.18 28.02 1.92
C SER A 185 16.17 28.03 0.39
N THR A 186 16.40 29.20 -0.21
CA THR A 186 16.21 29.39 -1.65
C THR A 186 17.45 29.05 -2.46
N ALA A 187 18.53 28.59 -1.83
CA ALA A 187 19.73 28.23 -2.58
C ALA A 187 19.46 27.08 -3.54
N SER A 188 18.70 26.08 -3.09
CA SER A 188 18.39 24.92 -3.91
C SER A 188 16.91 24.57 -3.87
N GLY A 189 16.05 25.59 -3.74
CA GLY A 189 14.62 25.34 -3.70
C GLY A 189 14.08 24.77 -5.00
N ASP A 190 14.51 25.34 -6.13
CA ASP A 190 14.12 24.91 -7.48
C ASP A 190 12.62 25.03 -7.73
N GLY A 191 11.88 25.65 -6.82
CA GLY A 191 10.46 25.87 -7.01
C GLY A 191 9.57 24.74 -6.55
N ARG A 192 10.11 23.55 -6.29
CA ARG A 192 9.29 22.44 -5.84
C ARG A 192 8.69 22.73 -4.46
N HIS A 193 9.49 23.29 -3.56
CA HIS A 193 9.05 23.67 -2.23
C HIS A 193 9.65 25.02 -1.88
N ILE A 194 8.84 25.86 -1.22
CA ILE A 194 9.24 27.21 -0.84
C ILE A 194 9.04 27.39 0.66
N CYS A 195 10.04 27.96 1.31
CA CYS A 195 9.96 28.20 2.75
C CYS A 195 9.06 29.39 3.06
N TYR A 196 8.43 29.39 4.24
CA TYR A 196 7.47 30.47 4.57
C TYR A 196 7.83 31.11 5.89
N PRO A 197 8.77 32.09 5.94
CA PRO A 197 9.23 32.62 7.22
C PRO A 197 8.16 33.43 7.95
N HIS A 198 8.00 33.18 9.24
CA HIS A 198 6.98 33.88 10.06
C HIS A 198 7.59 34.32 11.37
N PHE A 199 6.91 35.20 12.09
CA PHE A 199 7.41 35.78 13.32
C PHE A 199 6.34 35.70 14.40
N THR A 200 6.71 35.21 15.58
CA THR A 200 5.79 35.10 16.70
C THR A 200 6.57 35.22 18.00
N CYS A 201 5.86 35.61 19.06
CA CYS A 201 6.46 35.88 20.37
C CYS A 201 6.07 34.82 21.40
N ALA A 202 5.61 33.66 20.96
CA ALA A 202 5.20 32.56 21.83
C ALA A 202 4.08 32.95 22.78
N VAL A 203 3.39 34.05 22.50
CA VAL A 203 2.25 34.49 23.31
C VAL A 203 1.09 34.80 22.37
N ASP A 204 1.37 34.90 21.08
CA ASP A 204 0.35 35.21 20.08
C ASP A 204 -0.51 33.98 19.80
N THR A 205 -1.80 34.20 19.68
CA THR A 205 -2.75 33.13 19.38
C THR A 205 -3.03 32.98 17.90
N GLU A 206 -2.35 33.75 17.05
CA GLU A 206 -2.56 33.71 15.61
C GLU A 206 -1.66 32.71 14.90
N ASN A 207 -0.91 31.90 15.65
CA ASN A 207 -0.03 30.91 15.04
C ASN A 207 -0.82 29.88 14.24
N ALA A 208 -1.96 29.44 14.78
CA ALA A 208 -2.78 28.47 14.07
C ALA A 208 -3.32 29.06 12.77
N ARG A 209 -3.73 30.33 12.78
CA ARG A 209 -4.22 30.96 11.56
C ARG A 209 -3.11 31.07 10.52
N ARG A 210 -1.90 31.41 10.94
CA ARG A 210 -0.78 31.47 10.01
C ARG A 210 -0.47 30.11 9.42
N ILE A 211 -0.49 29.07 10.26
CA ILE A 211 -0.24 27.72 9.77
C ILE A 211 -1.31 27.32 8.77
N PHE A 212 -2.57 27.66 9.06
CA PHE A 212 -3.66 27.32 8.14
C PHE A 212 -3.50 28.05 6.81
N ASN A 213 -3.13 29.34 6.84
CA ASN A 213 -2.96 30.08 5.60
C ASN A 213 -1.82 29.52 4.77
N ASP A 214 -0.68 29.21 5.41
CA ASP A 214 0.43 28.66 4.67
C ASP A 214 0.11 27.27 4.12
N CYS A 215 -0.60 26.45 4.89
CA CYS A 215 -1.00 25.14 4.41
C CYS A 215 -1.98 25.26 3.25
N LYS A 216 -2.86 26.26 3.29
CA LYS A 216 -3.74 26.52 2.16
C LYS A 216 -2.95 26.88 0.91
N ASP A 217 -1.92 27.71 1.07
CA ASP A 217 -1.07 28.03 -0.08
C ASP A 217 -0.34 26.80 -0.61
N ILE A 218 0.15 25.94 0.29
CA ILE A 218 0.84 24.72 -0.13
C ILE A 218 -0.11 23.81 -0.87
N ILE A 219 -1.33 23.66 -0.36
CA ILE A 219 -2.32 22.81 -1.01
C ILE A 219 -2.71 23.38 -2.37
N LEU A 220 -2.78 24.71 -2.47
CA LEU A 220 -3.06 25.33 -3.77
C LEU A 220 -1.95 25.04 -4.77
N GLN A 221 -0.70 25.11 -4.33
CA GLN A 221 0.41 24.78 -5.22
C GLN A 221 0.37 23.32 -5.63
N MET A 222 0.05 22.42 -4.70
CA MET A 222 -0.03 21.01 -5.02
C MET A 222 -1.16 20.73 -6.00
N ASN A 223 -2.30 21.40 -5.82
CA ASN A 223 -3.41 21.26 -6.76
C ASN A 223 -3.03 21.77 -8.14
N LEU A 224 -2.31 22.89 -8.20
CA LEU A 224 -1.85 23.39 -9.49
C LEU A 224 -0.92 22.40 -10.16
N ARG A 225 -0.03 21.78 -9.39
CA ARG A 225 0.87 20.77 -9.96
C ARG A 225 0.09 19.55 -10.43
N GLU A 226 -0.97 19.17 -9.72
CA GLU A 226 -1.78 18.03 -10.13
C GLU A 226 -2.47 18.28 -11.46
N TYR A 227 -2.94 19.50 -11.68
CA TYR A 227 -3.59 19.87 -12.93
C TYR A 227 -2.60 20.03 -14.08
N ASN A 228 -1.30 19.94 -13.80
CA ASN A 228 -0.23 20.18 -14.77
C ASN A 228 -0.23 21.62 -15.28
N LEU A 229 -0.91 22.52 -14.56
CA LEU A 229 -0.90 23.93 -14.94
C LEU A 229 0.48 24.55 -14.72
N VAL A 230 1.13 24.21 -13.60
CA VAL A 230 2.44 24.75 -13.29
C VAL A 230 3.49 23.65 -13.38
N SER B 1 47.15 10.18 29.78
CA SER B 1 48.17 9.19 29.42
C SER B 1 47.63 7.78 29.56
N GLU B 2 46.49 7.65 30.24
CA GLU B 2 45.87 6.35 30.45
C GLU B 2 44.95 5.96 29.30
N LEU B 3 44.04 6.85 28.92
CA LEU B 3 43.14 6.56 27.80
C LEU B 3 43.84 6.69 26.46
N ASP B 4 44.88 7.51 26.38
CA ASP B 4 45.61 7.67 25.12
C ASP B 4 46.30 6.36 24.72
N GLN B 5 46.98 5.72 25.67
CA GLN B 5 47.60 4.43 25.37
C GLN B 5 46.57 3.35 25.11
N LEU B 6 45.41 3.44 25.76
CA LEU B 6 44.34 2.48 25.49
C LEU B 6 43.84 2.61 24.06
N ARG B 7 43.64 3.85 23.59
CA ARG B 7 43.20 4.03 22.21
C ARG B 7 44.30 3.69 21.22
N GLN B 8 45.57 3.89 21.60
CA GLN B 8 46.67 3.44 20.75
C GLN B 8 46.67 1.92 20.62
N GLU B 9 46.42 1.22 21.73
CA GLU B 9 46.32 -0.24 21.69
C GLU B 9 45.14 -0.68 20.84
N ALA B 10 44.01 0.04 20.94
CA ALA B 10 42.85 -0.27 20.11
C ALA B 10 43.17 -0.11 18.63
N GLU B 11 43.87 0.98 18.27
CA GLU B 11 44.26 1.18 16.88
C GLU B 11 45.22 0.09 16.42
N GLN B 12 46.16 -0.29 17.27
CA GLN B 12 47.09 -1.37 16.92
C GLN B 12 46.35 -2.68 16.70
N LEU B 13 45.37 -2.97 17.54
CA LEU B 13 44.58 -4.19 17.38
C LEU B 13 43.75 -4.14 16.09
N LYS B 14 43.19 -2.98 15.76
CA LYS B 14 42.46 -2.84 14.51
C LYS B 14 43.37 -3.08 13.32
N ASN B 15 44.58 -2.52 13.35
CA ASN B 15 45.54 -2.79 12.29
C ASN B 15 45.91 -4.26 12.24
N GLN B 16 46.03 -4.91 13.40
CA GLN B 16 46.36 -6.33 13.45
C GLN B 16 45.28 -7.17 12.78
N ILE B 17 44.01 -6.90 13.10
CA ILE B 17 42.93 -7.67 12.47
C ILE B 17 42.85 -7.34 10.99
N ARG B 18 43.13 -6.09 10.61
CA ARG B 18 43.11 -5.74 9.19
C ARG B 18 44.17 -6.52 8.42
N ASP B 19 45.38 -6.60 8.95
CA ASP B 19 46.42 -7.34 8.25
C ASP B 19 46.19 -8.84 8.30
N ALA B 20 45.55 -9.33 9.37
CA ALA B 20 45.16 -10.74 9.40
C ALA B 20 44.15 -11.05 8.30
N ARG B 21 43.16 -10.17 8.11
CA ARG B 21 42.21 -10.35 7.02
C ARG B 21 42.90 -10.28 5.67
N LYS B 22 43.85 -9.35 5.51
CA LYS B 22 44.59 -9.24 4.25
C LYS B 22 45.39 -10.51 3.98
N ALA B 23 46.05 -11.05 5.00
CA ALA B 23 46.85 -12.25 4.82
C ALA B 23 45.97 -13.46 4.50
N CYS B 24 44.80 -13.56 5.15
CA CYS B 24 43.90 -14.67 4.86
C CYS B 24 43.21 -14.53 3.51
N ALA B 25 43.35 -13.39 2.84
CA ALA B 25 42.71 -13.15 1.54
C ALA B 25 43.70 -13.50 0.44
N ASP B 26 43.79 -14.79 0.13
CA ASP B 26 44.71 -15.23 -0.93
C ASP B 26 44.16 -14.86 -2.30
N ALA B 27 42.86 -15.02 -2.51
CA ALA B 27 42.22 -14.69 -3.78
C ALA B 27 40.91 -13.98 -3.48
N THR B 28 40.11 -13.77 -4.52
CA THR B 28 38.82 -13.12 -4.40
C THR B 28 37.77 -13.94 -5.14
N LEU B 29 36.50 -13.60 -4.90
CA LEU B 29 35.41 -14.33 -5.52
C LEU B 29 35.37 -14.07 -7.03
N SER B 30 36.00 -12.99 -7.49
CA SER B 30 35.94 -12.64 -8.91
C SER B 30 36.69 -13.67 -9.76
N GLN B 31 37.92 -14.01 -9.38
CA GLN B 31 38.71 -14.91 -10.20
C GLN B 31 38.33 -16.37 -9.97
N ILE B 32 37.78 -16.71 -8.80
CA ILE B 32 37.44 -18.09 -8.51
C ILE B 32 36.24 -18.54 -9.35
N THR B 33 35.23 -17.69 -9.46
CA THR B 33 33.99 -18.02 -10.16
C THR B 33 33.88 -17.32 -11.51
N ASN B 34 35.02 -17.05 -12.15
CA ASN B 34 35.00 -16.43 -13.46
C ASN B 34 34.65 -17.40 -14.58
N ASN B 35 34.89 -18.70 -14.38
CA ASN B 35 34.60 -19.72 -15.38
C ASN B 35 33.20 -20.31 -15.25
N ILE B 36 32.44 -19.91 -14.23
CA ILE B 36 31.09 -20.46 -14.06
C ILE B 36 30.18 -19.89 -15.14
N ASP B 37 29.19 -20.67 -15.55
CA ASP B 37 28.28 -20.24 -16.58
C ASP B 37 27.37 -19.14 -16.04
N PRO B 38 27.22 -18.02 -16.74
CA PRO B 38 26.34 -16.95 -16.25
C PRO B 38 24.88 -17.35 -16.34
N VAL B 39 24.07 -16.76 -15.45
CA VAL B 39 22.65 -17.07 -15.42
C VAL B 39 21.91 -16.45 -16.59
N GLY B 40 22.53 -15.50 -17.29
CA GLY B 40 21.87 -14.85 -18.39
C GLY B 40 20.79 -13.89 -17.92
N ARG B 41 20.04 -13.39 -18.89
CA ARG B 41 18.94 -12.47 -18.58
C ARG B 41 17.85 -13.22 -17.84
N ILE B 42 17.39 -12.63 -16.74
CA ILE B 42 16.34 -13.22 -15.91
C ILE B 42 15.09 -12.37 -16.11
N GLN B 43 14.05 -12.99 -16.67
CA GLN B 43 12.79 -12.32 -16.92
C GLN B 43 11.80 -12.68 -15.82
N MET B 44 11.31 -11.68 -15.11
CA MET B 44 10.32 -11.87 -14.05
C MET B 44 9.07 -11.08 -14.39
N ARG B 45 7.92 -11.72 -14.24
CA ARG B 45 6.63 -11.13 -14.59
C ARG B 45 5.82 -10.86 -13.34
N THR B 46 5.09 -9.74 -13.33
CA THR B 46 4.22 -9.42 -12.21
C THR B 46 2.99 -10.31 -12.25
N ARG B 47 3.08 -11.50 -11.64
CA ARG B 47 1.94 -12.41 -11.65
C ARG B 47 0.76 -11.84 -10.86
N ARG B 48 1.02 -11.29 -9.68
CA ARG B 48 -0.02 -10.75 -8.82
C ARG B 48 0.37 -9.35 -8.37
N THR B 49 -0.63 -8.51 -8.18
CA THR B 49 -0.45 -7.17 -7.64
C THR B 49 -1.39 -7.00 -6.46
N LEU B 50 -0.83 -7.03 -5.25
CA LEU B 50 -1.64 -6.99 -4.02
C LEU B 50 -1.96 -5.53 -3.69
N ARG B 51 -2.87 -4.97 -4.48
CA ARG B 51 -3.35 -3.62 -4.22
C ARG B 51 -4.33 -3.62 -3.05
N GLY B 52 -4.39 -2.51 -2.33
CA GLY B 52 -5.26 -2.45 -1.14
C GLY B 52 -4.75 -1.51 -0.09
N HIS B 53 -3.43 -1.34 -0.01
CA HIS B 53 -2.85 -0.37 0.95
C HIS B 53 -3.09 1.05 0.46
N LEU B 54 -3.28 2.01 1.36
CA LEU B 54 -3.57 3.40 0.96
C LEU B 54 -2.44 4.30 1.46
N ALA B 55 -1.24 3.78 1.67
CA ALA B 55 -0.09 4.58 2.03
C ALA B 55 1.16 3.77 1.72
N LYS B 56 2.31 4.45 1.76
CA LYS B 56 3.57 3.83 1.38
C LYS B 56 3.86 2.61 2.25
N ILE B 57 4.29 1.53 1.61
CA ILE B 57 4.60 0.28 2.28
C ILE B 57 6.06 0.30 2.71
N TYR B 58 6.32 -0.03 3.97
CA TYR B 58 7.67 0.05 4.52
C TYR B 58 8.31 -1.30 4.81
N ALA B 59 7.52 -2.36 4.99
CA ALA B 59 8.12 -3.67 5.24
C ALA B 59 7.11 -4.76 4.92
N MET B 60 7.62 -5.93 4.60
CA MET B 60 6.79 -7.12 4.41
C MET B 60 7.61 -8.36 4.77
N HIS B 61 6.91 -9.44 5.09
CA HIS B 61 7.58 -10.69 5.43
C HIS B 61 6.73 -11.85 4.94
N TRP B 62 7.37 -12.77 4.21
CA TRP B 62 6.68 -13.96 3.74
C TRP B 62 6.43 -14.91 4.90
N GLY B 63 5.35 -15.67 4.79
CA GLY B 63 5.08 -16.73 5.75
C GLY B 63 5.94 -17.94 5.50
N THR B 64 5.93 -18.86 6.47
CA THR B 64 6.71 -20.09 6.33
C THR B 64 6.14 -20.99 5.24
N ASP B 65 4.83 -20.93 5.01
CA ASP B 65 4.20 -21.75 3.98
C ASP B 65 4.40 -21.19 2.57
N SER B 66 5.08 -20.06 2.44
CA SER B 66 5.37 -19.43 1.15
C SER B 66 4.09 -19.01 0.41
N ARG B 67 3.00 -18.85 1.14
CA ARG B 67 1.73 -18.40 0.56
C ARG B 67 1.21 -17.13 1.19
N LEU B 68 1.29 -17.01 2.51
CA LEU B 68 0.83 -15.81 3.21
C LEU B 68 1.98 -14.84 3.39
N LEU B 69 1.67 -13.54 3.33
CA LEU B 69 2.64 -12.50 3.59
C LEU B 69 1.95 -11.35 4.31
N VAL B 70 2.65 -10.76 5.27
CA VAL B 70 2.12 -9.59 6.04
C VAL B 70 2.77 -8.38 5.42
N SER B 71 2.04 -7.29 5.19
CA SER B 71 2.68 -6.06 4.68
C SER B 71 2.27 -4.94 5.60
N ALA B 72 3.18 -4.03 5.93
CA ALA B 72 2.88 -2.96 6.89
C ALA B 72 3.00 -1.63 6.19
N SER B 73 2.05 -0.74 6.39
CA SER B 73 2.10 0.53 5.64
C SER B 73 1.91 1.67 6.62
N GLN B 74 2.22 2.87 6.20
CA GLN B 74 2.03 4.04 7.08
C GLN B 74 0.57 4.44 6.94
N ASP B 75 -0.27 3.52 6.52
CA ASP B 75 -1.73 3.76 6.50
C ASP B 75 -2.19 3.49 7.92
N GLY B 76 -1.43 2.66 8.63
CA GLY B 76 -1.80 2.29 10.00
C GLY B 76 -2.39 0.92 9.99
N LYS B 77 -2.10 0.13 8.97
CA LYS B 77 -2.72 -1.21 8.83
C LYS B 77 -1.66 -2.24 8.45
N LEU B 78 -1.78 -3.45 8.95
CA LEU B 78 -0.88 -4.57 8.61
C LEU B 78 -1.84 -5.54 7.93
N ILE B 79 -1.65 -5.83 6.66
CA ILE B 79 -2.63 -6.67 5.94
C ILE B 79 -1.95 -7.98 5.61
N ILE B 80 -2.57 -9.10 5.91
CA ILE B 80 -2.04 -10.42 5.63
C ILE B 80 -2.66 -10.89 4.32
N TRP B 81 -1.81 -11.09 3.31
CA TRP B 81 -2.28 -11.39 1.96
C TRP B 81 -2.16 -12.88 1.68
N ASP B 82 -3.19 -13.43 1.06
CA ASP B 82 -3.12 -14.76 0.45
C ASP B 82 -2.58 -14.56 -0.95
N SER B 83 -1.24 -14.64 -1.10
CA SER B 83 -0.61 -14.26 -2.35
C SER B 83 -1.05 -15.12 -3.52
N TYR B 84 -1.53 -16.34 -3.28
CA TYR B 84 -2.00 -17.18 -4.37
C TYR B 84 -3.24 -16.57 -5.03
N THR B 85 -4.16 -16.04 -4.24
CA THR B 85 -5.41 -15.48 -4.76
C THR B 85 -5.56 -14.00 -4.48
N THR B 86 -4.52 -13.33 -3.96
CA THR B 86 -4.55 -11.91 -3.66
C THR B 86 -5.71 -11.55 -2.73
N ASN B 87 -5.95 -12.41 -1.73
CA ASN B 87 -7.01 -12.20 -0.77
C ASN B 87 -6.45 -11.63 0.52
N LYS B 88 -7.22 -10.74 1.15
CA LYS B 88 -6.84 -10.13 2.42
C LYS B 88 -7.36 -11.02 3.55
N VAL B 89 -6.46 -11.81 4.13
CA VAL B 89 -6.86 -12.69 5.23
C VAL B 89 -7.21 -11.87 6.45
N HIS B 90 -6.38 -10.88 6.79
CA HIS B 90 -6.58 -10.04 7.96
C HIS B 90 -6.20 -8.61 7.62
N ALA B 91 -6.75 -7.67 8.38
CA ALA B 91 -6.39 -6.25 8.29
C ALA B 91 -6.30 -5.72 9.72
N ILE B 92 -5.11 -5.77 10.29
CA ILE B 92 -4.88 -5.40 11.68
C ILE B 92 -4.69 -3.88 11.74
N PRO B 93 -5.55 -3.15 12.45
CA PRO B 93 -5.33 -1.70 12.61
C PRO B 93 -4.31 -1.42 13.71
N LEU B 94 -3.17 -0.87 13.32
CA LEU B 94 -2.11 -0.62 14.28
C LEU B 94 -2.44 0.57 15.17
N ARG B 95 -1.91 0.56 16.39
CA ARG B 95 -2.12 1.66 17.31
C ARG B 95 -1.46 2.94 16.80
N SER B 96 -0.26 2.83 16.25
CA SER B 96 0.46 3.96 15.68
C SER B 96 0.70 3.70 14.21
N SER B 97 0.35 4.69 13.37
CA SER B 97 0.51 4.53 11.93
C SER B 97 1.96 4.56 11.49
N TRP B 98 2.89 5.02 12.34
CA TRP B 98 4.30 5.09 11.99
C TRP B 98 4.93 3.72 12.25
N VAL B 99 4.82 2.85 11.26
CA VAL B 99 5.35 1.49 11.34
C VAL B 99 6.44 1.33 10.28
N MET B 100 7.60 0.84 10.71
CA MET B 100 8.73 0.69 9.82
C MET B 100 9.18 -0.75 9.65
N THR B 101 8.52 -1.70 10.31
CA THR B 101 8.92 -3.09 10.21
C THR B 101 7.73 -3.99 10.50
N CYS B 102 7.83 -5.24 10.05
CA CYS B 102 6.84 -6.25 10.35
C CYS B 102 7.49 -7.61 10.17
N ALA B 103 6.87 -8.63 10.78
CA ALA B 103 7.43 -9.96 10.73
C ALA B 103 6.31 -10.99 10.81
N TYR B 104 6.61 -12.19 10.33
CA TYR B 104 5.71 -13.33 10.40
C TYR B 104 6.41 -14.44 11.17
N ALA B 105 5.74 -14.96 12.20
CA ALA B 105 6.34 -15.99 13.01
C ALA B 105 6.54 -17.27 12.20
N PRO B 106 7.61 -18.03 12.48
CA PRO B 106 7.83 -19.28 11.73
C PRO B 106 6.67 -20.26 11.86
N SER B 107 6.00 -20.28 13.01
CA SER B 107 4.81 -21.12 13.17
C SER B 107 3.59 -20.52 12.48
N GLY B 108 3.62 -19.24 12.15
CA GLY B 108 2.51 -18.57 11.51
C GLY B 108 1.44 -18.07 12.45
N ASN B 109 1.58 -18.31 13.76
CA ASN B 109 0.55 -17.89 14.70
C ASN B 109 0.61 -16.40 15.00
N TYR B 110 1.80 -15.80 14.98
CA TYR B 110 1.98 -14.43 15.43
C TYR B 110 2.59 -13.57 14.33
N VAL B 111 2.29 -12.27 14.40
CA VAL B 111 2.96 -11.26 13.59
C VAL B 111 3.40 -10.14 14.50
N ALA B 112 4.40 -9.40 14.07
CA ALA B 112 4.95 -8.30 14.85
C ALA B 112 4.99 -7.04 14.00
N CYS B 113 4.96 -5.90 14.67
CA CYS B 113 5.06 -4.60 14.01
C CYS B 113 5.76 -3.63 14.95
N GLY B 114 6.37 -2.61 14.36
CA GLY B 114 7.06 -1.61 15.15
C GLY B 114 7.49 -0.45 14.29
N GLY B 115 7.88 0.64 14.95
CA GLY B 115 8.29 1.82 14.23
C GLY B 115 8.65 2.97 15.14
N LEU B 116 8.12 4.16 14.82
CA LEU B 116 8.42 5.35 15.61
C LEU B 116 7.78 5.34 16.98
N ASP B 117 6.88 4.39 17.26
CA ASP B 117 6.22 4.33 18.55
C ASP B 117 7.08 3.67 19.62
N ASN B 118 8.28 3.19 19.28
CA ASN B 118 9.27 2.61 20.16
C ASN B 118 8.84 1.25 20.71
N ILE B 119 7.69 0.72 20.29
CA ILE B 119 7.13 -0.51 20.83
C ILE B 119 6.99 -1.53 19.72
N CYS B 120 7.44 -2.76 19.96
CA CYS B 120 7.34 -3.85 19.00
C CYS B 120 6.10 -4.68 19.35
N SER B 121 4.95 -4.22 18.86
CA SER B 121 3.70 -4.90 19.15
C SER B 121 3.66 -6.26 18.48
N ILE B 122 3.06 -7.23 19.17
CA ILE B 122 2.94 -8.59 18.67
C ILE B 122 1.46 -8.97 18.66
N TYR B 123 0.98 -9.46 17.53
CA TYR B 123 -0.42 -9.79 17.33
C TYR B 123 -0.61 -11.29 17.20
N ASN B 124 -1.71 -11.78 17.75
CA ASN B 124 -2.03 -13.21 17.75
C ASN B 124 -3.09 -13.46 16.70
N LEU B 125 -2.68 -14.08 15.58
CA LEU B 125 -3.62 -14.30 14.48
C LEU B 125 -4.67 -15.36 14.83
N LYS B 126 -4.22 -16.48 15.39
CA LYS B 126 -5.11 -17.60 15.69
C LYS B 126 -5.64 -17.44 17.10
N THR B 127 -6.89 -17.00 17.23
CA THR B 127 -7.54 -16.81 18.52
C THR B 127 -8.92 -17.44 18.50
N ARG B 128 -9.39 -17.86 19.67
CA ARG B 128 -10.71 -18.43 19.77
C ARG B 128 -11.79 -17.40 19.49
N GLU B 129 -11.55 -16.13 19.83
CA GLU B 129 -12.53 -15.07 19.57
C GLU B 129 -12.71 -14.80 18.09
N GLY B 130 -11.76 -15.23 17.25
CA GLY B 130 -11.88 -15.10 15.81
C GLY B 130 -11.26 -13.86 15.22
N ASN B 131 -10.89 -12.88 16.04
CA ASN B 131 -10.25 -11.66 15.57
C ASN B 131 -8.79 -11.64 16.00
N VAL B 132 -8.06 -10.69 15.43
CA VAL B 132 -6.63 -10.52 15.71
C VAL B 132 -6.47 -9.41 16.74
N ARG B 133 -5.80 -9.73 17.85
CA ARG B 133 -5.59 -8.76 18.91
C ARG B 133 -4.13 -8.82 19.34
N VAL B 134 -3.63 -7.67 19.79
CA VAL B 134 -2.24 -7.58 20.23
C VAL B 134 -2.07 -8.37 21.52
N SER B 135 -1.05 -9.23 21.55
CA SER B 135 -0.79 -10.08 22.71
C SER B 135 0.19 -9.44 23.69
N ARG B 136 1.36 -9.02 23.21
CA ARG B 136 2.37 -8.41 24.07
C ARG B 136 2.96 -7.21 23.34
N GLU B 137 2.97 -6.06 24.01
CA GLU B 137 3.57 -4.84 23.49
C GLU B 137 4.94 -4.70 24.14
N LEU B 138 5.99 -5.00 23.37
CA LEU B 138 7.34 -5.00 23.91
C LEU B 138 7.88 -3.57 23.95
N ALA B 139 8.08 -3.03 25.15
CA ALA B 139 8.61 -1.70 25.34
C ALA B 139 9.94 -1.76 26.06
N GLY B 140 10.80 -0.79 25.77
CA GLY B 140 12.13 -0.77 26.36
C GLY B 140 13.17 -0.25 25.40
N HIS B 141 12.78 -0.06 24.14
CA HIS B 141 13.67 0.50 23.13
C HIS B 141 13.58 2.02 23.16
N THR B 142 14.74 2.68 23.30
CA THR B 142 14.75 4.14 23.28
C THR B 142 14.56 4.67 21.87
N GLY B 143 15.14 4.00 20.87
CA GLY B 143 15.05 4.44 19.50
C GLY B 143 13.96 3.74 18.71
N TYR B 144 13.64 4.31 17.55
CA TYR B 144 12.59 3.78 16.70
C TYR B 144 12.92 2.36 16.26
N LEU B 145 11.88 1.52 16.20
CA LEU B 145 12.06 0.15 15.72
C LEU B 145 12.39 0.14 14.24
N SER B 146 13.33 -0.72 13.85
CA SER B 146 13.79 -0.81 12.48
C SER B 146 13.51 -2.16 11.84
N CYS B 147 13.81 -3.25 12.53
CA CYS B 147 13.59 -4.58 11.99
C CYS B 147 13.42 -5.55 13.14
N CYS B 148 12.39 -6.38 13.07
CA CYS B 148 12.13 -7.42 14.06
C CYS B 148 11.97 -8.75 13.36
N ARG B 149 12.59 -9.78 13.93
CA ARG B 149 12.48 -11.13 13.41
C ARG B 149 12.18 -12.10 14.55
N PHE B 150 11.48 -13.17 14.22
CA PHE B 150 11.02 -14.14 15.22
C PHE B 150 12.00 -15.28 15.33
N LEU B 151 12.54 -15.50 16.52
CA LEU B 151 13.30 -16.71 16.79
C LEU B 151 12.36 -17.91 16.84
N ASP B 152 11.43 -17.89 17.79
CA ASP B 152 10.36 -18.88 17.92
C ASP B 152 9.06 -18.15 18.19
N ASP B 153 8.02 -18.88 18.60
CA ASP B 153 6.78 -18.24 18.98
C ASP B 153 6.90 -17.43 20.27
N ASN B 154 7.99 -17.59 21.01
CA ASN B 154 8.19 -16.88 22.27
C ASN B 154 9.41 -15.99 22.31
N GLN B 155 10.28 -16.03 21.29
CA GLN B 155 11.48 -15.21 21.25
C GLN B 155 11.52 -14.40 19.97
N ILE B 156 11.77 -13.10 20.11
CA ILE B 156 11.84 -12.21 18.96
C ILE B 156 13.00 -11.25 19.18
N VAL B 157 13.80 -11.03 18.13
CA VAL B 157 14.94 -10.12 18.17
C VAL B 157 14.57 -8.88 17.38
N THR B 158 14.80 -7.71 17.97
CA THR B 158 14.45 -6.44 17.36
C THR B 158 15.66 -5.53 17.31
N SER B 159 15.73 -4.70 16.27
CA SER B 159 16.75 -3.69 16.11
C SER B 159 16.10 -2.32 16.14
N SER B 160 16.61 -1.43 17.00
CA SER B 160 16.02 -0.12 17.19
C SER B 160 16.98 0.96 16.73
N GLY B 161 16.51 2.20 16.82
CA GLY B 161 17.31 3.36 16.49
C GLY B 161 18.18 3.87 17.62
N ASP B 162 18.21 3.17 18.75
CA ASP B 162 19.05 3.53 19.88
C ASP B 162 20.38 2.78 19.89
N THR B 163 20.90 2.44 18.71
CA THR B 163 22.18 1.77 18.52
C THR B 163 22.25 0.40 19.17
N THR B 164 21.10 -0.18 19.55
CA THR B 164 21.08 -1.45 20.28
C THR B 164 20.08 -2.39 19.65
N CYS B 165 20.46 -3.66 19.53
CA CYS B 165 19.54 -4.75 19.24
C CYS B 165 19.23 -5.50 20.52
N ALA B 166 18.02 -6.07 20.59
CA ALA B 166 17.57 -6.73 21.81
C ALA B 166 16.89 -8.04 21.47
N LEU B 167 17.11 -9.04 22.32
CA LEU B 167 16.40 -10.30 22.27
C LEU B 167 15.31 -10.28 23.33
N TRP B 168 14.07 -10.51 22.91
CA TRP B 168 12.92 -10.38 23.78
C TRP B 168 12.32 -11.74 24.11
N ASP B 169 11.70 -11.82 25.27
CA ASP B 169 10.90 -12.98 25.67
C ASP B 169 9.44 -12.52 25.69
N ILE B 170 8.65 -13.03 24.75
CA ILE B 170 7.29 -12.54 24.58
C ILE B 170 6.44 -12.87 25.79
N GLU B 171 6.70 -14.02 26.42
CA GLU B 171 5.90 -14.43 27.58
C GLU B 171 6.04 -13.44 28.73
N THR B 172 7.27 -12.99 29.00
CA THR B 172 7.51 -12.05 30.08
C THR B 172 7.57 -10.60 29.63
N GLY B 173 7.91 -10.34 28.36
CA GLY B 173 7.99 -9.00 27.84
C GLY B 173 9.28 -8.27 28.12
N GLN B 174 10.24 -8.92 28.78
CA GLN B 174 11.51 -8.29 29.12
C GLN B 174 12.60 -8.75 28.16
N GLN B 175 13.59 -7.88 27.95
CA GLN B 175 14.70 -8.20 27.07
C GLN B 175 15.58 -9.26 27.72
N THR B 176 15.59 -10.46 27.14
CA THR B 176 16.45 -11.52 27.65
C THR B 176 17.92 -11.14 27.53
N THR B 177 18.34 -10.72 26.34
CA THR B 177 19.69 -10.22 26.12
C THR B 177 19.62 -8.91 25.37
N THR B 178 20.57 -8.02 25.63
CA THR B 178 20.66 -6.74 24.95
C THR B 178 22.00 -6.67 24.23
N PHE B 179 21.96 -6.33 22.95
CA PHE B 179 23.15 -6.28 22.11
C PHE B 179 23.60 -4.83 21.95
N THR B 180 24.86 -4.57 22.28
CA THR B 180 25.41 -3.22 22.24
C THR B 180 26.73 -3.24 21.49
N GLY B 181 27.06 -2.10 20.88
CA GLY B 181 28.31 -1.98 20.16
C GLY B 181 28.21 -1.13 18.91
N HIS B 182 27.00 -0.91 18.41
CA HIS B 182 26.81 -0.10 17.22
C HIS B 182 26.94 1.38 17.53
N THR B 183 27.51 2.12 16.58
CA THR B 183 27.69 3.57 16.73
C THR B 183 26.54 4.34 16.13
N GLY B 184 26.00 3.89 15.01
CA GLY B 184 24.85 4.50 14.38
C GLY B 184 23.59 3.66 14.55
N ASP B 185 22.47 4.23 14.10
CA ASP B 185 21.19 3.57 14.23
C ASP B 185 21.19 2.24 13.47
N VAL B 186 20.72 1.19 14.15
CA VAL B 186 20.61 -0.12 13.51
C VAL B 186 19.36 -0.14 12.65
N MET B 187 19.52 -0.51 11.38
CA MET B 187 18.42 -0.40 10.41
C MET B 187 17.81 -1.73 10.03
N SER B 188 18.57 -2.82 10.09
CA SER B 188 18.01 -4.12 9.70
C SER B 188 18.80 -5.23 10.36
N LEU B 189 18.17 -6.39 10.45
CA LEU B 189 18.81 -7.60 10.93
C LEU B 189 18.25 -8.79 10.18
N SER B 190 19.04 -9.86 10.11
CA SER B 190 18.61 -11.09 9.46
C SER B 190 19.06 -12.28 10.30
N LEU B 191 18.11 -13.14 10.64
CA LEU B 191 18.41 -14.34 11.40
C LEU B 191 19.09 -15.37 10.52
N ALA B 192 20.05 -16.10 11.11
CA ALA B 192 20.70 -17.17 10.37
C ALA B 192 19.73 -18.33 10.18
N PRO B 193 19.89 -19.10 9.10
CA PRO B 193 19.03 -20.29 8.92
C PRO B 193 19.13 -21.28 10.07
N ASP B 194 20.29 -21.37 10.71
CA ASP B 194 20.46 -22.22 11.88
C ASP B 194 19.98 -21.55 13.17
N THR B 195 19.56 -20.29 13.12
CA THR B 195 18.81 -19.61 14.17
C THR B 195 19.68 -19.26 15.36
N ARG B 196 20.91 -19.78 15.38
CA ARG B 196 21.82 -19.56 16.51
C ARG B 196 22.67 -18.31 16.38
N LEU B 197 22.55 -17.58 15.26
CA LEU B 197 23.29 -16.34 15.04
C LEU B 197 22.42 -15.38 14.25
N PHE B 198 22.78 -14.10 14.27
CA PHE B 198 22.12 -13.12 13.44
C PHE B 198 23.04 -11.92 13.26
N VAL B 199 22.93 -11.27 12.10
CA VAL B 199 23.72 -10.09 11.78
C VAL B 199 22.79 -8.89 11.78
N SER B 200 23.39 -7.71 11.96
CA SER B 200 22.63 -6.47 11.97
C SER B 200 23.47 -5.37 11.35
N GLY B 201 22.89 -4.68 10.37
CA GLY B 201 23.54 -3.54 9.73
C GLY B 201 23.03 -2.24 10.34
N ALA B 202 23.95 -1.31 10.53
CA ALA B 202 23.64 -0.04 11.19
C ALA B 202 24.06 1.12 10.31
N CYS B 203 23.72 2.33 10.76
CA CYS B 203 24.05 3.54 10.03
C CYS B 203 25.52 3.91 10.10
N ASP B 204 26.31 3.24 10.94
CA ASP B 204 27.74 3.50 11.03
C ASP B 204 28.54 2.71 9.99
N ALA B 205 27.87 2.26 8.92
CA ALA B 205 28.52 1.55 7.82
C ALA B 205 29.26 0.30 8.31
N SER B 206 28.64 -0.42 9.25
CA SER B 206 29.24 -1.62 9.79
C SER B 206 28.13 -2.61 10.13
N ALA B 207 28.36 -3.88 9.79
CA ALA B 207 27.45 -4.96 10.12
C ALA B 207 28.10 -5.88 11.14
N LYS B 208 27.41 -6.11 12.25
CA LYS B 208 27.94 -6.88 13.37
C LYS B 208 27.21 -8.21 13.46
N LEU B 209 27.99 -9.29 13.56
CA LEU B 209 27.43 -10.62 13.73
C LEU B 209 27.35 -10.94 15.22
N TRP B 210 26.14 -11.11 15.73
CA TRP B 210 25.92 -11.35 17.15
C TRP B 210 25.68 -12.83 17.41
N ASP B 211 25.51 -13.15 18.69
CA ASP B 211 25.14 -14.50 19.13
C ASP B 211 23.95 -14.37 20.06
N VAL B 212 22.91 -15.18 19.81
CA VAL B 212 21.67 -15.04 20.57
C VAL B 212 21.88 -15.44 22.03
N ARG B 213 22.62 -16.51 22.27
CA ARG B 213 22.85 -16.99 23.63
C ARG B 213 24.01 -16.29 24.32
N GLU B 214 25.12 -16.09 23.60
CA GLU B 214 26.27 -15.40 24.18
C GLU B 214 25.92 -13.97 24.57
N GLY B 215 25.21 -13.26 23.70
CA GLY B 215 24.71 -11.94 24.02
C GLY B 215 25.59 -10.78 23.63
N MET B 216 26.75 -11.03 23.02
CA MET B 216 27.63 -9.95 22.58
C MET B 216 28.15 -10.25 21.18
N CYS B 217 28.56 -9.18 20.50
CA CYS B 217 28.97 -9.29 19.10
C CYS B 217 30.17 -10.21 18.94
N ARG B 218 30.13 -11.03 17.90
CA ARG B 218 31.22 -11.97 17.62
C ARG B 218 32.16 -11.44 16.53
N GLN B 219 31.60 -10.91 15.45
CA GLN B 219 32.39 -10.38 14.34
C GLN B 219 31.81 -9.06 13.88
N THR B 220 32.68 -8.19 13.36
CA THR B 220 32.27 -6.91 12.82
C THR B 220 32.82 -6.75 11.41
N PHE B 221 31.97 -6.34 10.49
CA PHE B 221 32.32 -6.19 9.08
C PHE B 221 32.17 -4.74 8.66
N THR B 222 33.17 -4.22 7.99
CA THR B 222 33.18 -2.85 7.49
C THR B 222 33.49 -2.85 6.01
N GLY B 223 33.38 -1.68 5.39
CA GLY B 223 33.65 -1.53 3.98
C GLY B 223 32.71 -0.57 3.28
N HIS B 224 31.51 -0.41 3.82
CA HIS B 224 30.54 0.50 3.25
C HIS B 224 30.92 1.95 3.54
N GLU B 225 30.50 2.85 2.67
CA GLU B 225 30.76 4.27 2.82
C GLU B 225 29.56 5.06 3.30
N SER B 226 28.43 4.40 3.55
CA SER B 226 27.23 5.09 3.99
C SER B 226 26.43 4.14 4.87
N ASP B 227 25.22 4.58 5.23
CA ASP B 227 24.38 3.78 6.12
C ASP B 227 23.96 2.48 5.44
N ILE B 228 23.82 1.43 6.25
CA ILE B 228 23.34 0.14 5.77
C ILE B 228 21.84 0.07 5.99
N ASN B 229 21.09 -0.14 4.91
CA ASN B 229 19.63 -0.16 5.00
C ASN B 229 19.05 -1.56 5.10
N ALA B 230 19.76 -2.59 4.66
CA ALA B 230 19.18 -3.92 4.62
C ALA B 230 20.29 -4.95 4.75
N ILE B 231 19.92 -6.16 5.14
CA ILE B 231 20.92 -7.25 5.32
C ILE B 231 20.18 -8.57 5.13
N CYS B 232 20.83 -9.58 4.54
CA CYS B 232 20.22 -10.91 4.39
C CYS B 232 21.29 -11.97 4.51
N PHE B 233 21.02 -13.11 5.15
CA PHE B 233 21.99 -14.23 5.26
C PHE B 233 21.95 -15.13 4.03
N PHE B 234 23.11 -15.45 3.46
CA PHE B 234 23.17 -16.40 2.33
C PHE B 234 22.50 -17.66 2.83
N PRO B 235 21.75 -18.40 1.99
CA PRO B 235 20.99 -19.53 2.50
C PRO B 235 21.75 -20.52 3.39
N ASN B 236 23.06 -20.71 3.21
CA ASN B 236 23.80 -21.73 4.00
C ASN B 236 24.10 -21.20 5.38
N GLY B 237 23.84 -19.92 5.59
CA GLY B 237 24.14 -19.27 6.85
C GLY B 237 25.59 -18.90 7.07
N ASN B 238 26.44 -19.07 6.06
CA ASN B 238 27.87 -18.77 6.18
C ASN B 238 28.25 -17.46 5.52
N ALA B 239 27.29 -16.67 5.06
CA ALA B 239 27.57 -15.40 4.41
C ALA B 239 26.32 -14.54 4.49
N PHE B 240 26.49 -13.25 4.19
CA PHE B 240 25.35 -12.34 4.14
C PHE B 240 25.68 -11.19 3.21
N ALA B 241 24.63 -10.51 2.76
CA ALA B 241 24.73 -9.38 1.85
C ALA B 241 24.11 -8.16 2.49
N THR B 242 24.69 -6.99 2.20
CA THR B 242 24.28 -5.74 2.82
C THR B 242 23.84 -4.76 1.73
N GLY B 243 22.77 -4.02 1.99
CA GLY B 243 22.33 -2.97 1.12
C GLY B 243 22.53 -1.63 1.79
N SER B 244 23.23 -0.73 1.10
CA SER B 244 23.64 0.53 1.68
C SER B 244 23.15 1.71 0.84
N ASP B 245 23.43 2.92 1.33
CA ASP B 245 23.02 4.16 0.67
C ASP B 245 23.96 4.59 -0.45
N ASP B 246 25.14 3.98 -0.58
CA ASP B 246 26.10 4.38 -1.60
C ASP B 246 25.99 3.53 -2.85
N ALA B 247 24.80 2.98 -3.13
CA ALA B 247 24.51 2.28 -4.38
C ALA B 247 25.44 1.10 -4.61
N THR B 248 25.68 0.32 -3.56
CA THR B 248 26.48 -0.89 -3.71
C THR B 248 26.02 -1.92 -2.69
N CYS B 249 26.00 -3.18 -3.11
CA CYS B 249 25.72 -4.31 -2.25
C CYS B 249 27.00 -5.13 -2.07
N ARG B 250 27.30 -5.48 -0.82
CA ARG B 250 28.52 -6.20 -0.49
C ARG B 250 28.18 -7.54 0.12
N LEU B 251 28.88 -8.58 -0.31
CA LEU B 251 28.67 -9.95 0.17
C LEU B 251 29.80 -10.30 1.12
N PHE B 252 29.55 -10.14 2.42
CA PHE B 252 30.53 -10.51 3.43
C PHE B 252 30.46 -12.02 3.70
N ASP B 253 31.45 -12.51 4.42
CA ASP B 253 31.51 -13.92 4.77
C ASP B 253 31.82 -14.04 6.25
N LEU B 254 31.08 -14.90 6.94
CA LEU B 254 31.28 -15.09 8.37
C LEU B 254 32.60 -15.78 8.65
N ARG B 255 32.91 -16.85 7.91
CA ARG B 255 34.11 -17.64 8.21
C ARG B 255 35.38 -16.90 7.78
N ALA B 256 35.36 -16.28 6.61
CA ALA B 256 36.53 -15.53 6.14
C ALA B 256 36.67 -14.18 6.83
N ASP B 257 35.62 -13.68 7.47
CA ASP B 257 35.66 -12.44 8.24
C ASP B 257 36.04 -11.24 7.38
N GLN B 258 35.62 -11.25 6.12
CA GLN B 258 35.88 -10.13 5.23
C GLN B 258 34.91 -10.18 4.07
N GLU B 259 34.80 -9.06 3.35
CA GLU B 259 33.93 -9.00 2.20
C GLU B 259 34.49 -9.85 1.06
N LEU B 260 33.58 -10.38 0.24
CA LEU B 260 33.93 -11.24 -0.88
C LEU B 260 33.65 -10.60 -2.23
N MET B 261 32.53 -9.89 -2.38
CA MET B 261 32.18 -9.29 -3.65
C MET B 261 31.35 -8.04 -3.39
N THR B 262 31.50 -7.06 -4.28
CA THR B 262 30.70 -5.83 -4.26
C THR B 262 29.84 -5.78 -5.51
N TYR B 263 28.58 -5.36 -5.33
CA TYR B 263 27.61 -5.30 -6.43
C TYR B 263 27.30 -3.83 -6.72
N SER B 264 28.11 -3.24 -7.58
CA SER B 264 28.00 -1.83 -7.91
C SER B 264 27.98 -1.64 -9.42
N HIS B 265 27.28 -0.60 -9.86
CA HIS B 265 27.22 -0.23 -11.27
C HIS B 265 27.22 1.29 -11.38
N ASP B 266 27.89 1.80 -12.40
CA ASP B 266 28.01 3.25 -12.57
C ASP B 266 26.66 3.91 -12.85
N ASN B 267 25.74 3.20 -13.48
CA ASN B 267 24.43 3.78 -13.78
C ASN B 267 23.65 4.05 -12.50
N ILE B 268 23.75 3.15 -11.53
CA ILE B 268 22.97 3.27 -10.29
C ILE B 268 23.68 4.19 -9.32
N ILE B 269 22.98 5.20 -8.83
CA ILE B 269 23.53 6.14 -7.87
C ILE B 269 22.72 6.09 -6.57
N CYS B 270 21.46 5.68 -6.68
CA CYS B 270 20.59 5.62 -5.52
C CYS B 270 20.94 4.42 -4.64
N GLY B 271 20.63 4.54 -3.35
CA GLY B 271 20.95 3.48 -2.41
C GLY B 271 20.02 2.29 -2.52
N ILE B 272 20.33 1.27 -1.73
CA ILE B 272 19.56 0.04 -1.69
C ILE B 272 18.66 0.08 -0.46
N THR B 273 17.39 -0.28 -0.64
CA THR B 273 16.43 -0.28 0.46
C THR B 273 16.22 -1.65 1.06
N SER B 274 16.21 -2.70 0.24
CA SER B 274 16.00 -4.06 0.74
C SER B 274 16.78 -5.04 -0.12
N VAL B 275 17.28 -6.10 0.51
CA VAL B 275 17.98 -7.16 -0.20
C VAL B 275 17.39 -8.49 0.25
N SER B 276 17.49 -9.48 -0.64
CA SER B 276 17.02 -10.83 -0.35
C SER B 276 17.70 -11.79 -1.32
N PHE B 277 17.95 -13.00 -0.83
CA PHE B 277 18.63 -14.03 -1.60
C PHE B 277 17.63 -15.04 -2.13
N SER B 278 18.02 -15.71 -3.22
CA SER B 278 17.21 -16.76 -3.80
C SER B 278 17.31 -18.03 -2.96
N LYS B 279 16.55 -19.06 -3.35
CA LYS B 279 16.55 -20.30 -2.60
C LYS B 279 17.92 -20.97 -2.61
N SER B 280 18.60 -20.95 -3.76
CA SER B 280 19.93 -21.51 -3.89
C SER B 280 21.02 -20.49 -3.57
N GLY B 281 20.67 -19.24 -3.36
CA GLY B 281 21.65 -18.21 -3.05
C GLY B 281 22.39 -17.65 -4.24
N ARG B 282 22.06 -18.09 -5.46
CA ARG B 282 22.74 -17.63 -6.66
C ARG B 282 22.30 -16.22 -7.08
N LEU B 283 21.02 -15.90 -6.92
CA LEU B 283 20.50 -14.60 -7.29
C LEU B 283 20.23 -13.77 -6.04
N LEU B 284 20.78 -12.56 -6.01
CA LEU B 284 20.55 -11.61 -4.93
C LEU B 284 19.69 -10.50 -5.48
N LEU B 285 18.47 -10.38 -4.95
CA LEU B 285 17.54 -9.34 -5.36
C LEU B 285 17.67 -8.14 -4.43
N ALA B 286 17.89 -6.97 -5.01
CA ALA B 286 18.08 -5.75 -4.24
C ALA B 286 17.09 -4.70 -4.70
N GLY B 287 16.55 -3.95 -3.73
CA GLY B 287 15.60 -2.92 -4.03
C GLY B 287 16.19 -1.52 -3.90
N TYR B 288 16.15 -0.75 -4.97
CA TYR B 288 16.80 0.56 -5.00
C TYR B 288 15.77 1.67 -4.89
N ASP B 289 16.26 2.90 -4.85
CA ASP B 289 15.40 4.09 -4.79
C ASP B 289 15.08 4.65 -6.17
N ASP B 290 15.61 4.07 -7.24
CA ASP B 290 15.28 4.49 -8.60
C ASP B 290 14.02 3.82 -9.12
N PHE B 291 13.14 3.37 -8.23
CA PHE B 291 11.86 2.72 -8.50
C PHE B 291 12.05 1.32 -9.06
N ASN B 292 13.27 0.84 -9.15
CA ASN B 292 13.60 -0.42 -9.81
C ASN B 292 14.00 -1.45 -8.75
N CYS B 293 14.21 -2.69 -9.18
CA CYS B 293 14.61 -3.75 -8.27
C CYS B 293 15.51 -4.71 -9.06
N ASN B 294 16.82 -4.59 -8.88
CA ASN B 294 17.76 -5.38 -9.65
C ASN B 294 17.81 -6.81 -9.14
N VAL B 295 18.32 -7.70 -9.99
CA VAL B 295 18.52 -9.10 -9.65
C VAL B 295 19.98 -9.41 -9.95
N TRP B 296 20.83 -9.30 -8.93
CA TRP B 296 22.26 -9.47 -9.12
C TRP B 296 22.64 -10.94 -9.11
N ASP B 297 23.78 -11.24 -9.71
CA ASP B 297 24.37 -12.57 -9.65
C ASP B 297 25.32 -12.62 -8.46
N ALA B 298 25.04 -13.51 -7.51
CA ALA B 298 25.83 -13.55 -6.29
C ALA B 298 27.28 -13.90 -6.57
N LEU B 299 27.52 -14.85 -7.47
CA LEU B 299 28.88 -15.30 -7.76
C LEU B 299 29.51 -14.58 -8.93
N LYS B 300 28.79 -13.69 -9.60
CA LYS B 300 29.31 -13.01 -10.78
C LYS B 300 29.22 -11.49 -10.72
N ALA B 301 28.40 -10.93 -9.84
CA ALA B 301 28.19 -9.47 -9.75
C ALA B 301 27.73 -8.90 -11.09
N ASP B 302 26.89 -9.65 -11.80
CA ASP B 302 26.39 -9.26 -13.10
C ASP B 302 24.91 -8.92 -13.00
N ARG B 303 24.54 -7.75 -13.51
CA ARG B 303 23.14 -7.35 -13.56
C ARG B 303 22.38 -8.30 -14.47
N ALA B 304 21.50 -9.13 -13.88
CA ALA B 304 20.74 -10.13 -14.63
C ALA B 304 19.27 -9.92 -14.34
N GLY B 305 18.64 -9.07 -15.12
CA GLY B 305 17.21 -8.85 -14.95
C GLY B 305 16.92 -7.68 -14.02
N VAL B 306 15.82 -7.00 -14.31
CA VAL B 306 15.41 -5.82 -13.57
C VAL B 306 13.90 -5.88 -13.35
N LEU B 307 13.46 -5.68 -12.11
CA LEU B 307 12.04 -5.61 -11.79
C LEU B 307 11.59 -4.16 -11.85
N ALA B 308 11.53 -3.63 -13.07
CA ALA B 308 11.41 -2.19 -13.27
C ALA B 308 10.03 -1.66 -12.95
N GLY B 309 8.99 -2.47 -13.13
CA GLY B 309 7.64 -1.96 -13.05
C GLY B 309 7.09 -1.79 -11.65
N HIS B 310 7.50 -0.75 -10.93
CA HIS B 310 6.95 -0.50 -9.61
C HIS B 310 6.55 0.94 -9.34
N ASP B 311 6.92 1.89 -10.19
CA ASP B 311 6.34 3.23 -10.23
C ASP B 311 6.84 4.07 -9.05
N ASN B 312 7.48 3.45 -8.07
CA ASN B 312 7.97 4.21 -6.92
C ASN B 312 9.06 3.42 -6.22
N ARG B 313 9.68 4.07 -5.23
CA ARG B 313 10.80 3.49 -4.50
C ARG B 313 10.36 2.22 -3.78
N VAL B 314 11.00 1.10 -4.10
CA VAL B 314 10.71 -0.16 -3.44
C VAL B 314 11.40 -0.19 -2.08
N SER B 315 10.62 -0.42 -1.03
CA SER B 315 11.12 -0.36 0.33
C SER B 315 11.29 -1.71 1.00
N CYS B 316 10.62 -2.74 0.51
CA CYS B 316 10.72 -4.08 1.09
C CYS B 316 10.84 -5.11 -0.02
N LEU B 317 11.50 -6.22 0.31
CA LEU B 317 11.74 -7.28 -0.65
C LEU B 317 11.73 -8.61 0.12
N GLY B 318 11.09 -9.61 -0.47
CA GLY B 318 11.02 -10.91 0.18
C GLY B 318 10.89 -12.07 -0.77
N VAL B 319 11.77 -13.05 -0.63
CA VAL B 319 11.70 -14.28 -1.41
C VAL B 319 11.02 -15.35 -0.57
N THR B 320 10.21 -16.18 -1.22
CA THR B 320 9.48 -17.21 -0.50
C THR B 320 10.44 -18.22 0.12
N ASP B 321 9.93 -18.98 1.08
CA ASP B 321 10.75 -19.97 1.76
C ASP B 321 11.22 -21.05 0.80
N ASP B 322 10.35 -21.46 -0.12
CA ASP B 322 10.72 -22.41 -1.16
C ASP B 322 11.32 -21.74 -2.39
N GLY B 323 11.45 -20.42 -2.37
CA GLY B 323 12.02 -19.70 -3.50
C GLY B 323 11.10 -19.59 -4.70
N MET B 324 9.82 -19.91 -4.55
CA MET B 324 8.91 -19.95 -5.69
C MET B 324 8.75 -18.57 -6.32
N ALA B 325 8.62 -17.53 -5.50
CA ALA B 325 8.31 -16.20 -6.02
C ALA B 325 8.99 -15.14 -5.16
N VAL B 326 9.09 -13.94 -5.73
CA VAL B 326 9.68 -12.78 -5.07
C VAL B 326 8.61 -11.71 -4.99
N ALA B 327 8.40 -11.18 -3.78
CA ALA B 327 7.42 -10.12 -3.55
C ALA B 327 8.15 -8.85 -3.16
N THR B 328 7.90 -7.78 -3.91
CA THR B 328 8.50 -6.48 -3.64
C THR B 328 7.40 -5.46 -3.39
N GLY B 329 7.49 -4.74 -2.29
CA GLY B 329 6.54 -3.70 -1.94
C GLY B 329 7.21 -2.34 -2.02
N SER B 330 6.46 -1.34 -2.46
CA SER B 330 7.03 -0.02 -2.65
C SER B 330 6.24 1.08 -1.95
N TRP B 331 6.63 2.33 -2.17
CA TRP B 331 5.95 3.47 -1.58
C TRP B 331 4.69 3.87 -2.32
N ASP B 332 4.39 3.21 -3.44
CA ASP B 332 3.13 3.42 -4.14
C ASP B 332 2.02 2.52 -3.62
N SER B 333 2.23 1.91 -2.44
CA SER B 333 1.22 1.08 -1.78
C SER B 333 0.81 -0.11 -2.63
N PHE B 334 1.77 -0.69 -3.35
CA PHE B 334 1.53 -1.86 -4.19
C PHE B 334 2.52 -2.94 -3.84
N LEU B 335 2.05 -4.18 -3.75
CA LEU B 335 2.89 -5.35 -3.58
C LEU B 335 2.77 -6.20 -4.84
N LYS B 336 3.91 -6.55 -5.44
CA LYS B 336 3.94 -7.30 -6.68
C LYS B 336 4.72 -8.58 -6.48
N ILE B 337 4.15 -9.69 -6.94
CA ILE B 337 4.77 -11.01 -6.83
C ILE B 337 5.38 -11.36 -8.17
N TRP B 338 6.68 -11.66 -8.18
CA TRP B 338 7.42 -11.95 -9.39
C TRP B 338 8.00 -13.34 -9.32
N ASN B 339 7.94 -14.07 -10.44
CA ASN B 339 8.62 -15.34 -10.56
C ASN B 339 8.85 -15.64 -12.04
N GLY B 340 9.96 -16.32 -12.32
CA GLY B 340 10.32 -16.57 -13.70
C GLY B 340 9.48 -17.65 -14.34
N SER B 341 9.43 -17.62 -15.68
CA SER B 341 8.70 -18.60 -16.46
C SER B 341 9.60 -19.14 -17.56
N SER B 342 9.44 -20.42 -17.88
CA SER B 342 10.25 -21.06 -18.91
C SER B 342 9.78 -20.66 -20.30
N THR C 1 34.42 10.83 34.38
CA THR C 1 34.53 10.72 32.93
C THR C 1 34.29 9.28 32.48
N ALA C 2 33.35 9.10 31.55
CA ALA C 2 33.00 7.80 31.02
C ALA C 2 33.77 7.44 29.76
N SER C 3 34.65 8.33 29.28
CA SER C 3 35.43 8.02 28.07
C SER C 3 36.39 6.87 28.31
N ILE C 4 36.98 6.80 29.50
CA ILE C 4 37.92 5.72 29.81
C ILE C 4 37.22 4.37 29.77
N ALA C 5 36.01 4.29 30.34
CA ALA C 5 35.26 3.05 30.33
C ALA C 5 34.91 2.63 28.91
N GLN C 6 34.49 3.59 28.08
CA GLN C 6 34.18 3.28 26.69
C GLN C 6 35.41 2.78 25.94
N ALA C 7 36.56 3.42 26.17
CA ALA C 7 37.79 2.97 25.53
C ALA C 7 38.17 1.56 25.97
N ARG C 8 38.03 1.29 27.28
CA ARG C 8 38.36 -0.04 27.79
C ARG C 8 37.44 -1.10 27.19
N LYS C 9 36.14 -0.81 27.11
CA LYS C 9 35.20 -1.80 26.57
C LYS C 9 35.44 -2.00 25.07
N LEU C 10 35.78 -0.94 24.34
CA LEU C 10 36.12 -1.10 22.93
C LEU C 10 37.39 -1.93 22.76
N VAL C 11 38.38 -1.70 23.61
CA VAL C 11 39.61 -2.49 23.55
C VAL C 11 39.32 -3.95 23.82
N GLU C 12 38.46 -4.24 24.81
CA GLU C 12 38.11 -5.62 25.10
C GLU C 12 37.35 -6.26 23.93
N GLN C 13 36.46 -5.50 23.29
CA GLN C 13 35.73 -6.03 22.15
C GLN C 13 36.68 -6.36 21.00
N LEU C 14 37.63 -5.48 20.71
CA LEU C 14 38.63 -5.79 19.69
C LEU C 14 39.50 -6.97 20.08
N LYS C 15 39.83 -7.09 21.37
CA LYS C 15 40.61 -8.23 21.84
C LYS C 15 39.86 -9.54 21.58
N MET C 16 38.56 -9.56 21.86
CA MET C 16 37.77 -10.75 21.56
C MET C 16 37.69 -11.01 20.06
N GLU C 17 37.45 -9.96 19.27
CA GLU C 17 37.28 -10.15 17.83
C GLU C 17 38.56 -10.63 17.15
N ALA C 18 39.72 -10.22 17.66
CA ALA C 18 40.98 -10.62 17.05
C ALA C 18 41.20 -12.12 17.14
N ASN C 19 40.88 -12.73 18.29
CA ASN C 19 41.12 -14.15 18.53
C ASN C 19 39.97 -14.96 17.95
N ILE C 20 39.93 -14.99 16.61
CA ILE C 20 38.91 -15.74 15.87
C ILE C 20 39.61 -16.52 14.76
N ASP C 21 39.26 -17.79 14.63
CA ASP C 21 39.85 -18.62 13.58
C ASP C 21 39.26 -18.25 12.23
N ARG C 22 40.13 -17.81 11.32
CA ARG C 22 39.71 -17.40 9.98
C ARG C 22 40.25 -18.39 8.96
N ILE C 23 39.37 -18.91 8.13
CA ILE C 23 39.80 -19.82 7.07
C ILE C 23 40.20 -19.00 5.86
N LYS C 24 40.87 -19.67 4.91
CA LYS C 24 41.24 -19.01 3.67
C LYS C 24 40.00 -18.76 2.82
N VAL C 25 40.07 -17.70 2.01
CA VAL C 25 38.96 -17.34 1.14
C VAL C 25 38.70 -18.40 0.07
N SER C 26 39.71 -19.18 -0.29
CA SER C 26 39.52 -20.22 -1.29
C SER C 26 38.49 -21.26 -0.82
N LYS C 27 38.65 -21.75 0.41
CA LYS C 27 37.71 -22.72 0.94
C LYS C 27 36.31 -22.16 1.08
N ALA C 28 36.18 -20.93 1.54
CA ALA C 28 34.87 -20.28 1.67
C ALA C 28 34.18 -20.10 0.33
N ALA C 29 34.91 -19.62 -0.68
CA ALA C 29 34.32 -19.48 -2.01
C ALA C 29 33.95 -20.84 -2.58
N ALA C 30 34.77 -21.86 -2.35
CA ALA C 30 34.44 -23.20 -2.81
C ALA C 30 33.16 -23.71 -2.14
N ASP C 31 33.02 -23.45 -0.84
CA ASP C 31 31.80 -23.85 -0.14
C ASP C 31 30.58 -23.13 -0.70
N LEU C 32 30.70 -21.83 -0.96
CA LEU C 32 29.58 -21.09 -1.53
C LEU C 32 29.21 -21.61 -2.91
N MET C 33 30.22 -21.89 -3.74
CA MET C 33 29.96 -22.44 -5.07
C MET C 33 29.31 -23.81 -4.98
N ALA C 34 29.78 -24.65 -4.05
CA ALA C 34 29.19 -25.97 -3.89
C ALA C 34 27.73 -25.88 -3.45
N TYR C 35 27.43 -24.98 -2.52
CA TYR C 35 26.05 -24.82 -2.08
C TYR C 35 25.18 -24.29 -3.21
N CYS C 36 25.70 -23.34 -4.01
CA CYS C 36 24.92 -22.81 -5.12
C CYS C 36 24.65 -23.88 -6.17
N GLU C 37 25.64 -24.72 -6.46
CA GLU C 37 25.48 -25.74 -7.48
C GLU C 37 24.57 -26.87 -7.01
N ALA C 38 24.67 -27.24 -5.73
CA ALA C 38 23.88 -28.35 -5.22
C ALA C 38 22.39 -28.04 -5.27
N HIS C 39 22.01 -26.80 -4.96
CA HIS C 39 20.61 -26.41 -4.88
C HIS C 39 20.14 -25.69 -6.13
N ALA C 40 20.92 -25.73 -7.22
CA ALA C 40 20.52 -25.07 -8.45
C ALA C 40 19.25 -25.68 -9.03
N LYS C 41 19.14 -27.01 -9.01
CA LYS C 41 17.98 -27.66 -9.58
C LYS C 41 16.72 -27.41 -8.75
N GLU C 42 16.86 -27.22 -7.45
CA GLU C 42 15.73 -26.98 -6.57
C GLU C 42 15.35 -25.51 -6.50
N ASP C 43 16.04 -24.64 -7.23
CA ASP C 43 15.73 -23.22 -7.22
C ASP C 43 14.75 -22.91 -8.35
N PRO C 44 13.53 -22.48 -8.05
CA PRO C 44 12.58 -22.12 -9.11
C PRO C 44 12.76 -20.72 -9.67
N LEU C 45 13.78 -19.98 -9.22
CA LEU C 45 14.14 -18.70 -9.82
C LEU C 45 15.37 -18.80 -10.70
N LEU C 46 16.37 -19.60 -10.30
CA LEU C 46 17.50 -19.87 -11.17
C LEU C 46 17.04 -20.57 -12.44
N THR C 47 16.34 -21.68 -12.29
CA THR C 47 15.81 -22.46 -13.41
C THR C 47 14.30 -22.39 -13.34
N PRO C 48 13.65 -21.56 -14.14
CA PRO C 48 12.19 -21.39 -14.02
C PRO C 48 11.47 -22.71 -14.26
N VAL C 49 10.61 -23.08 -13.32
CA VAL C 49 9.81 -24.29 -13.39
C VAL C 49 8.73 -24.09 -14.46
N PRO C 50 8.19 -25.15 -15.05
CA PRO C 50 7.16 -24.98 -16.08
C PRO C 50 5.94 -24.27 -15.53
N ALA C 51 5.27 -23.51 -16.40
CA ALA C 51 4.12 -22.72 -15.99
C ALA C 51 3.00 -23.57 -15.42
N SER C 52 2.94 -24.86 -15.76
CA SER C 52 1.95 -25.74 -15.17
C SER C 52 2.19 -25.97 -13.68
N GLU C 53 3.40 -25.72 -13.20
CA GLU C 53 3.74 -25.89 -11.79
C GLU C 53 3.84 -24.58 -11.02
N ASN C 54 3.77 -23.44 -11.70
CA ASN C 54 3.81 -22.16 -11.00
C ASN C 54 2.50 -21.92 -10.27
N PRO C 55 2.51 -21.75 -8.95
CA PRO C 55 1.27 -21.41 -8.24
C PRO C 55 0.71 -20.07 -8.64
N PHE C 56 1.52 -19.18 -9.21
CA PHE C 56 1.09 -17.85 -9.62
C PHE C 56 0.80 -17.78 -11.12
N ARG C 57 0.48 -18.89 -11.76
CA ARG C 57 0.18 -18.91 -13.18
C ARG C 57 -1.10 -18.12 -13.48
N VAL D 1 -17.33 -17.29 22.36
CA VAL D 1 -17.36 -18.72 22.16
C VAL D 1 -18.53 -19.34 22.92
N GLN D 2 -19.71 -18.77 22.74
CA GLN D 2 -20.92 -19.28 23.37
C GLN D 2 -22.11 -18.93 22.50
N LEU D 3 -22.89 -19.93 22.10
CA LEU D 3 -24.07 -19.74 21.27
C LEU D 3 -25.27 -20.35 21.97
N VAL D 4 -26.32 -19.55 22.14
CA VAL D 4 -27.55 -19.97 22.81
C VAL D 4 -28.71 -19.83 21.84
N GLU D 5 -29.53 -20.87 21.74
CA GLU D 5 -30.64 -20.90 20.81
C GLU D 5 -31.96 -20.77 21.58
N SER D 6 -32.87 -19.97 21.05
CA SER D 6 -34.18 -19.76 21.65
C SER D 6 -35.24 -19.74 20.56
N GLY D 7 -36.46 -20.11 20.95
CA GLY D 7 -37.60 -20.11 20.05
C GLY D 7 -38.18 -21.48 19.76
N GLY D 8 -37.50 -22.56 20.13
CA GLY D 8 -38.03 -23.88 19.88
C GLY D 8 -39.11 -24.27 20.86
N GLY D 9 -39.87 -25.30 20.49
CA GLY D 9 -40.95 -25.78 21.33
C GLY D 9 -41.96 -26.55 20.49
N LEU D 10 -43.21 -26.54 20.98
CA LEU D 10 -44.31 -27.21 20.31
C LEU D 10 -45.08 -26.18 19.49
N VAL D 11 -45.20 -26.45 18.19
CA VAL D 11 -45.90 -25.56 17.26
C VAL D 11 -46.85 -26.39 16.43
N GLN D 12 -48.07 -25.87 16.24
CA GLN D 12 -49.06 -26.56 15.43
C GLN D 12 -48.59 -26.64 13.98
N PRO D 13 -48.94 -27.72 13.26
CA PRO D 13 -48.52 -27.83 11.86
C PRO D 13 -49.12 -26.71 11.02
N GLY D 14 -48.35 -26.25 10.04
CA GLY D 14 -48.78 -25.16 9.19
C GLY D 14 -48.57 -23.79 9.78
N GLY D 15 -48.00 -23.69 10.98
CA GLY D 15 -47.79 -22.41 11.63
C GLY D 15 -46.43 -21.80 11.30
N SER D 16 -46.08 -20.78 12.05
CA SER D 16 -44.83 -20.05 11.87
C SER D 16 -44.15 -19.88 13.23
N ARG D 17 -42.82 -19.81 13.19
CA ARG D 17 -42.02 -19.67 14.41
C ARG D 17 -40.71 -19.00 14.04
N LYS D 18 -40.16 -18.24 14.99
CA LYS D 18 -38.88 -17.57 14.80
C LYS D 18 -37.83 -18.17 15.73
N LEU D 19 -36.67 -18.50 15.18
CA LEU D 19 -35.56 -19.03 15.95
C LEU D 19 -34.47 -17.97 16.05
N SER D 20 -34.00 -17.72 17.27
CA SER D 20 -32.97 -16.75 17.54
C SER D 20 -31.74 -17.43 18.11
N CYS D 21 -30.58 -17.10 17.55
CA CYS D 21 -29.29 -17.64 18.00
C CYS D 21 -28.46 -16.49 18.54
N SER D 22 -28.26 -16.45 19.85
CA SER D 22 -27.53 -15.37 20.50
C SER D 22 -26.07 -15.76 20.63
N ALA D 23 -25.18 -14.87 20.18
CA ALA D 23 -23.75 -15.11 20.19
C ALA D 23 -23.07 -14.20 21.20
N SER D 24 -22.09 -14.75 21.92
CA SER D 24 -21.34 -13.99 22.90
C SER D 24 -19.94 -14.56 23.01
N GLY D 25 -18.98 -13.69 23.31
CA GLY D 25 -17.61 -14.11 23.50
C GLY D 25 -16.75 -14.20 22.27
N PHE D 26 -17.26 -13.79 21.11
CA PHE D 26 -16.47 -13.80 19.89
C PHE D 26 -17.03 -12.75 18.93
N ALA D 27 -16.23 -12.44 17.91
CA ALA D 27 -16.57 -11.42 16.92
C ALA D 27 -17.62 -12.00 15.98
N PHE D 28 -18.89 -11.87 16.36
CA PHE D 28 -19.98 -12.39 15.54
C PHE D 28 -20.08 -11.67 14.21
N SER D 29 -19.65 -10.41 14.15
CA SER D 29 -19.78 -9.63 12.93
C SER D 29 -18.90 -10.15 11.80
N SER D 30 -17.86 -10.93 12.11
CA SER D 30 -16.93 -11.42 11.10
C SER D 30 -17.01 -12.94 10.94
N PHE D 31 -18.09 -13.56 11.42
CA PHE D 31 -18.25 -15.01 11.37
C PHE D 31 -19.47 -15.36 10.54
N GLY D 32 -19.31 -16.24 9.56
CA GLY D 32 -20.45 -16.75 8.84
C GLY D 32 -21.24 -17.71 9.71
N MET D 33 -22.56 -17.67 9.56
CA MET D 33 -23.48 -18.44 10.39
C MET D 33 -24.20 -19.48 9.55
N HIS D 34 -24.38 -20.66 10.13
CA HIS D 34 -25.13 -21.74 9.51
C HIS D 34 -26.21 -22.24 10.47
N TRP D 35 -27.17 -22.96 9.91
CA TRP D 35 -28.19 -23.67 10.69
C TRP D 35 -28.18 -25.12 10.26
N VAL D 36 -28.00 -26.03 11.22
CA VAL D 36 -27.93 -27.46 10.95
C VAL D 36 -29.05 -28.15 11.69
N ARG D 37 -29.83 -28.94 10.97
CA ARG D 37 -30.99 -29.65 11.51
C ARG D 37 -30.66 -31.11 11.74
N GLN D 38 -31.03 -31.62 12.91
CA GLN D 38 -30.83 -33.03 13.26
C GLN D 38 -32.18 -33.63 13.63
N ALA D 39 -32.77 -34.38 12.71
CA ALA D 39 -34.03 -35.06 12.99
C ALA D 39 -33.80 -36.14 14.04
N PRO D 40 -34.81 -36.42 14.86
CA PRO D 40 -34.66 -37.47 15.89
C PRO D 40 -34.31 -38.81 15.25
N GLU D 41 -33.32 -39.48 15.85
CA GLU D 41 -32.82 -40.76 15.36
C GLU D 41 -32.37 -40.68 13.89
N LYS D 42 -31.82 -39.53 13.50
CA LYS D 42 -31.39 -39.31 12.13
C LYS D 42 -30.19 -38.40 12.11
N GLY D 43 -29.49 -38.38 10.99
CA GLY D 43 -28.27 -37.61 10.87
C GLY D 43 -28.51 -36.13 10.71
N LEU D 44 -27.41 -35.38 10.75
CA LEU D 44 -27.49 -33.93 10.60
C LEU D 44 -27.88 -33.55 9.18
N GLU D 45 -28.59 -32.44 9.06
CA GLU D 45 -29.00 -31.92 7.75
C GLU D 45 -28.84 -30.41 7.74
N TRP D 46 -28.16 -29.90 6.73
CA TRP D 46 -27.96 -28.46 6.60
C TRP D 46 -29.27 -27.77 6.24
N VAL D 47 -29.43 -26.53 6.72
CA VAL D 47 -30.67 -25.80 6.51
C VAL D 47 -30.40 -24.49 5.78
N ALA D 48 -29.55 -23.63 6.34
CA ALA D 48 -29.33 -22.31 5.78
C ALA D 48 -27.95 -21.82 6.18
N TYR D 49 -27.50 -20.77 5.51
CA TYR D 49 -26.20 -20.16 5.80
C TYR D 49 -26.24 -18.71 5.38
N ILE D 50 -25.75 -17.83 6.25
CA ILE D 50 -25.63 -16.41 5.95
C ILE D 50 -24.17 -16.00 6.14
N SER D 51 -23.61 -15.33 5.15
CA SER D 51 -22.21 -14.95 5.19
C SER D 51 -22.02 -13.74 6.10
N SER D 52 -20.77 -13.32 6.25
CA SER D 52 -20.46 -12.13 7.03
C SER D 52 -21.02 -10.90 6.32
N GLY D 53 -21.68 -10.02 7.08
CA GLY D 53 -22.29 -8.85 6.49
C GLY D 53 -23.55 -9.10 5.70
N SER D 54 -24.11 -10.31 5.80
CA SER D 54 -25.35 -10.69 5.11
C SER D 54 -25.23 -10.58 3.59
N GLY D 55 -24.00 -10.60 3.07
CA GLY D 55 -23.82 -10.49 1.63
C GLY D 55 -24.36 -11.69 0.87
N THR D 56 -24.08 -12.90 1.37
CA THR D 56 -24.46 -14.13 0.70
C THR D 56 -25.35 -14.96 1.61
N ILE D 57 -26.48 -15.40 1.08
CA ILE D 57 -27.42 -16.24 1.82
C ILE D 57 -27.75 -17.45 0.97
N TYR D 58 -27.68 -18.64 1.57
CA TYR D 58 -27.99 -19.89 0.90
C TYR D 58 -29.01 -20.66 1.70
N TYR D 59 -29.83 -21.45 1.00
CA TYR D 59 -30.87 -22.24 1.63
C TYR D 59 -30.84 -23.66 1.07
N ALA D 60 -31.30 -24.60 1.87
CA ALA D 60 -31.42 -25.98 1.41
C ALA D 60 -32.55 -26.10 0.41
N ASP D 61 -32.38 -26.99 -0.57
CA ASP D 61 -33.38 -27.18 -1.60
C ASP D 61 -34.69 -27.72 -1.04
N THR D 62 -34.64 -28.42 0.10
CA THR D 62 -35.86 -28.97 0.69
C THR D 62 -36.71 -27.88 1.36
N VAL D 63 -36.09 -26.79 1.79
CA VAL D 63 -36.80 -25.77 2.55
C VAL D 63 -36.58 -24.40 1.95
N LYS D 64 -36.18 -24.35 0.68
CA LYS D 64 -35.96 -23.06 0.02
C LYS D 64 -37.29 -22.34 -0.18
N GLY D 65 -37.32 -21.05 0.16
CA GLY D 65 -38.51 -20.24 0.03
C GLY D 65 -39.40 -20.24 1.25
N ARG D 66 -39.23 -21.19 2.16
CA ARG D 66 -40.00 -21.21 3.40
C ARG D 66 -39.25 -20.56 4.55
N PHE D 67 -38.02 -20.99 4.79
CA PHE D 67 -37.23 -20.42 5.87
C PHE D 67 -36.49 -19.20 5.37
N THR D 68 -36.43 -18.16 6.20
CA THR D 68 -35.62 -16.99 5.92
C THR D 68 -34.72 -16.71 7.12
N ILE D 69 -33.46 -16.40 6.84
CA ILE D 69 -32.44 -16.23 7.87
C ILE D 69 -31.94 -14.79 7.83
N SER D 70 -31.94 -14.14 8.97
CA SER D 70 -31.47 -12.77 9.09
C SER D 70 -30.52 -12.67 10.27
N ARG D 71 -29.57 -11.73 10.22
CA ARG D 71 -28.60 -11.60 11.33
C ARG D 71 -28.64 -10.17 11.87
N ASP D 72 -28.31 -9.98 13.14
CA ASP D 72 -28.24 -8.61 13.70
C ASP D 72 -26.86 -8.43 14.34
N ASP D 73 -25.86 -8.08 13.54
CA ASP D 73 -24.48 -7.98 14.07
C ASP D 73 -24.41 -7.02 15.26
N PRO D 74 -25.06 -5.83 15.27
CA PRO D 74 -25.02 -4.97 16.45
C PRO D 74 -25.57 -5.65 17.71
N LYS D 75 -26.67 -6.38 17.60
CA LYS D 75 -27.26 -7.06 18.78
C LYS D 75 -26.52 -8.38 19.00
N ASN D 76 -25.62 -8.73 18.07
CA ASN D 76 -24.80 -9.93 18.21
C ASN D 76 -25.66 -11.19 18.33
N THR D 77 -26.75 -11.23 17.56
CA THR D 77 -27.67 -12.36 17.58
C THR D 77 -28.02 -12.74 16.15
N LEU D 78 -28.37 -14.02 15.98
CA LEU D 78 -28.74 -14.56 14.67
C LEU D 78 -30.18 -15.01 14.68
N PHE D 79 -30.91 -14.68 13.63
CA PHE D 79 -32.33 -14.98 13.52
C PHE D 79 -32.58 -16.00 12.42
N LEU D 80 -33.75 -16.65 12.50
CA LEU D 80 -34.20 -17.54 11.44
C LEU D 80 -35.72 -17.64 11.56
N GLN D 81 -36.43 -17.08 10.59
CA GLN D 81 -37.90 -17.05 10.61
C GLN D 81 -38.43 -18.21 9.80
N MET D 82 -39.40 -18.91 10.36
CA MET D 82 -39.94 -20.14 9.79
C MET D 82 -41.37 -19.88 9.35
N THR D 83 -41.72 -20.33 8.15
CA THR D 83 -43.06 -20.16 7.62
C THR D 83 -43.58 -21.48 7.06
N SER D 84 -44.88 -21.70 7.23
CA SER D 84 -45.57 -22.91 6.77
C SER D 84 -44.83 -24.17 7.21
N LEU D 85 -44.64 -24.31 8.52
CA LEU D 85 -43.97 -25.48 9.06
C LEU D 85 -44.79 -26.73 8.78
N ARG D 86 -44.12 -27.77 8.30
CA ARG D 86 -44.75 -29.03 7.95
C ARG D 86 -44.39 -30.11 8.96
N SER D 87 -44.92 -31.31 8.74
CA SER D 87 -44.73 -32.41 9.68
C SER D 87 -43.30 -32.92 9.72
N GLU D 88 -42.55 -32.76 8.64
CA GLU D 88 -41.19 -33.28 8.56
C GLU D 88 -40.14 -32.26 9.00
N ASP D 89 -40.56 -31.08 9.47
CA ASP D 89 -39.63 -30.06 9.93
C ASP D 89 -39.32 -30.17 11.42
N THR D 90 -39.87 -31.16 12.11
CA THR D 90 -39.58 -31.33 13.52
C THR D 90 -38.20 -31.95 13.71
N ALA D 91 -37.33 -31.22 14.42
CA ALA D 91 -35.96 -31.65 14.63
C ALA D 91 -35.32 -30.72 15.67
N MET D 92 -34.03 -30.94 15.91
CA MET D 92 -33.25 -30.07 16.79
C MET D 92 -32.38 -29.18 15.90
N TYR D 93 -32.57 -27.87 16.02
CA TYR D 93 -31.86 -26.91 15.17
C TYR D 93 -30.62 -26.39 15.87
N TYR D 94 -29.49 -26.43 15.18
CA TYR D 94 -28.21 -26.01 15.73
C TYR D 94 -27.73 -24.75 15.03
N CYS D 95 -27.14 -23.84 15.80
CA CYS D 95 -26.53 -22.63 15.28
C CYS D 95 -25.02 -22.82 15.26
N VAL D 96 -24.43 -22.73 14.06
CA VAL D 96 -23.03 -23.04 13.85
C VAL D 96 -22.31 -21.80 13.33
N ARG D 97 -21.09 -21.59 13.81
CA ARG D 97 -20.25 -20.50 13.34
C ARG D 97 -19.18 -21.05 12.41
N SER D 98 -18.80 -20.25 11.43
CA SER D 98 -17.76 -20.66 10.48
C SER D 98 -17.22 -19.42 9.81
N ILE D 99 -15.93 -19.13 10.01
CA ILE D 99 -15.27 -18.01 9.38
C ILE D 99 -14.36 -18.55 8.29
N TYR D 100 -14.44 -17.95 7.10
CA TYR D 100 -13.79 -18.49 5.91
C TYR D 100 -12.62 -17.59 5.52
N TYR D 101 -11.41 -18.11 5.67
CA TYR D 101 -10.21 -17.51 5.13
C TYR D 101 -9.17 -18.62 5.00
N TYR D 102 -8.01 -18.29 4.44
CA TYR D 102 -6.99 -19.31 4.23
C TYR D 102 -6.50 -19.84 5.57
N GLY D 103 -6.60 -21.15 5.75
CA GLY D 103 -6.17 -21.78 6.97
C GLY D 103 -7.18 -21.75 8.09
N SER D 104 -8.40 -21.27 7.85
CA SER D 104 -9.42 -21.22 8.87
C SER D 104 -10.02 -22.60 9.10
N SER D 105 -10.82 -22.69 10.16
CA SER D 105 -11.49 -23.93 10.54
C SER D 105 -12.98 -23.68 10.61
N PRO D 106 -13.70 -23.80 9.49
CA PRO D 106 -15.16 -23.60 9.52
C PRO D 106 -15.86 -24.67 10.34
N PHE D 107 -17.02 -24.32 10.87
CA PHE D 107 -17.84 -25.21 11.69
C PHE D 107 -17.09 -25.67 12.93
N ASP D 108 -16.22 -24.81 13.47
CA ASP D 108 -15.43 -25.19 14.63
C ASP D 108 -16.27 -25.25 15.89
N PHE D 109 -17.15 -24.28 16.09
CA PHE D 109 -17.97 -24.20 17.30
C PHE D 109 -19.44 -24.29 16.94
N TRP D 110 -20.17 -25.12 17.68
CA TRP D 110 -21.59 -25.34 17.47
C TRP D 110 -22.36 -24.88 18.69
N GLY D 111 -23.57 -24.37 18.46
CA GLY D 111 -24.42 -23.97 19.55
C GLY D 111 -25.01 -25.16 20.28
N GLN D 112 -25.59 -24.86 21.45
CA GLN D 112 -26.20 -25.91 22.26
C GLN D 112 -27.40 -26.54 21.55
N GLY D 113 -28.08 -25.77 20.71
CA GLY D 113 -29.19 -26.30 19.93
C GLY D 113 -30.53 -26.06 20.59
N THR D 114 -31.56 -25.98 19.76
CA THR D 114 -32.94 -25.84 20.20
C THR D 114 -33.78 -26.92 19.56
N THR D 115 -34.87 -27.32 20.24
CA THR D 115 -35.75 -28.38 19.67
C THR D 115 -37.06 -27.75 19.19
N LEU D 116 -37.41 -27.98 17.91
CA LEU D 116 -38.70 -27.49 17.36
C LEU D 116 -39.53 -28.70 16.98
N THR D 117 -40.75 -28.83 17.50
CA THR D 117 -41.57 -30.05 17.25
C THR D 117 -42.91 -29.66 16.62
N VAL D 118 -43.33 -30.38 15.58
CA VAL D 118 -44.61 -30.06 14.87
C VAL D 118 -45.63 -31.18 15.12
N SER D 119 -46.78 -30.88 15.74
CA SER D 119 -47.80 -31.87 16.03
C SER D 119 -48.49 -32.28 14.73
N ALA D 120 -49.41 -33.24 14.85
CA ALA D 120 -50.15 -33.74 13.69
C ALA D 120 -51.62 -33.94 14.04
N ALA D 121 -27.04 -33.93 -8.97
CA ALA D 121 -26.87 -32.55 -8.54
C ALA D 121 -26.28 -32.47 -7.14
N ASP D 122 -27.09 -32.83 -6.14
CA ASP D 122 -26.64 -32.81 -4.76
C ASP D 122 -25.61 -33.89 -4.51
N ILE D 123 -24.50 -33.53 -3.86
CA ILE D 123 -23.48 -34.51 -3.52
C ILE D 123 -23.97 -35.36 -2.36
N VAL D 124 -23.94 -36.68 -2.54
CA VAL D 124 -24.38 -37.61 -1.51
C VAL D 124 -23.16 -38.15 -0.78
N MET D 125 -23.28 -38.29 0.54
CA MET D 125 -22.22 -38.85 1.37
C MET D 125 -22.76 -40.09 2.06
N THR D 126 -22.12 -41.23 1.80
CA THR D 126 -22.60 -42.52 2.28
C THR D 126 -21.59 -43.11 3.25
N GLN D 127 -22.07 -43.58 4.39
CA GLN D 127 -21.25 -44.30 5.36
C GLN D 127 -21.72 -45.74 5.37
N ALA D 128 -20.78 -46.67 5.10
CA ALA D 128 -21.15 -48.07 4.97
C ALA D 128 -21.70 -48.63 6.28
N THR D 129 -21.08 -48.29 7.40
CA THR D 129 -21.48 -48.80 8.70
C THR D 129 -22.17 -47.71 9.51
N SER D 130 -23.07 -48.14 10.39
CA SER D 130 -23.80 -47.21 11.26
C SER D 130 -23.54 -47.44 12.74
N SER D 131 -23.12 -48.63 13.15
CA SER D 131 -22.83 -48.90 14.55
C SER D 131 -21.67 -49.88 14.63
N VAL D 132 -20.61 -49.47 15.31
CA VAL D 132 -19.41 -50.30 15.44
C VAL D 132 -19.08 -50.49 16.92
N PRO D 133 -19.30 -51.67 17.49
CA PRO D 133 -18.93 -51.91 18.90
C PRO D 133 -17.41 -52.06 19.03
N VAL D 134 -16.78 -51.10 19.69
CA VAL D 134 -15.34 -51.08 19.84
C VAL D 134 -14.99 -50.80 21.29
N THR D 135 -14.09 -51.65 21.87
CA THR D 135 -13.56 -51.51 23.22
C THR D 135 -12.47 -50.45 23.25
N PRO D 136 -12.36 -49.70 24.34
CA PRO D 136 -11.31 -48.67 24.43
C PRO D 136 -9.92 -49.28 24.42
N GLY D 137 -8.97 -48.53 23.86
CA GLY D 137 -7.58 -48.94 23.80
C GLY D 137 -7.13 -49.44 22.45
N GLU D 138 -8.04 -49.66 21.51
CA GLU D 138 -7.70 -50.15 20.18
C GLU D 138 -7.95 -49.05 19.15
N SER D 139 -7.71 -49.38 17.88
CA SER D 139 -7.84 -48.45 16.78
C SER D 139 -9.07 -48.79 15.96
N VAL D 140 -9.87 -47.77 15.65
CA VAL D 140 -11.07 -47.92 14.84
C VAL D 140 -11.04 -46.88 13.72
N SER D 141 -11.35 -47.30 12.51
CA SER D 141 -11.36 -46.44 11.34
C SER D 141 -12.79 -46.28 10.83
N ILE D 142 -13.19 -45.03 10.58
CA ILE D 142 -14.51 -44.71 10.07
C ILE D 142 -14.37 -44.32 8.61
N SER D 143 -15.12 -45.00 7.75
CA SER D 143 -15.03 -44.81 6.31
C SER D 143 -16.23 -44.03 5.80
N CYS D 144 -15.98 -43.00 5.00
CA CYS D 144 -17.01 -42.21 4.37
C CYS D 144 -16.72 -42.10 2.88
N ARG D 145 -17.78 -42.20 2.08
CA ARG D 145 -17.66 -42.20 0.62
C ARG D 145 -18.55 -41.12 0.03
N SER D 146 -18.03 -40.41 -0.97
CA SER D 146 -18.76 -39.36 -1.64
C SER D 146 -18.97 -39.71 -3.11
N SER D 147 -20.12 -39.27 -3.65
CA SER D 147 -20.42 -39.55 -5.05
C SER D 147 -19.42 -38.86 -5.98
N LYS D 148 -19.09 -37.61 -5.70
CA LYS D 148 -18.18 -36.83 -6.52
C LYS D 148 -16.91 -36.55 -5.73
N SER D 149 -15.77 -36.61 -6.42
CA SER D 149 -14.49 -36.34 -5.77
C SER D 149 -14.48 -34.93 -5.19
N LEU D 150 -14.08 -34.83 -3.92
CA LEU D 150 -14.07 -33.57 -3.21
C LEU D 150 -12.78 -32.79 -3.37
N LEU D 151 -11.78 -33.35 -4.05
CA LEU D 151 -10.51 -32.68 -4.25
C LEU D 151 -10.68 -31.59 -5.31
N HIS D 152 -10.61 -30.34 -4.89
CA HIS D 152 -10.76 -29.22 -5.79
C HIS D 152 -9.47 -28.95 -6.55
N SER D 153 -9.54 -28.01 -7.50
CA SER D 153 -8.38 -27.68 -8.32
C SER D 153 -7.26 -27.03 -7.52
N ASN D 154 -7.57 -26.43 -6.36
CA ASN D 154 -6.56 -25.77 -5.55
C ASN D 154 -5.89 -26.72 -4.57
N GLY D 155 -6.23 -28.00 -4.59
CA GLY D 155 -5.61 -28.97 -3.72
C GLY D 155 -6.27 -29.15 -2.37
N ASN D 156 -7.36 -28.43 -2.09
CA ASN D 156 -8.07 -28.52 -0.82
C ASN D 156 -9.24 -29.46 -0.99
N THR D 157 -9.26 -30.53 -0.19
CA THR D 157 -10.36 -31.50 -0.18
C THR D 157 -11.31 -31.12 0.94
N TYR D 158 -12.48 -30.60 0.58
CA TYR D 158 -13.41 -30.03 1.56
C TYR D 158 -14.30 -31.12 2.15
N LEU D 159 -13.73 -31.86 3.09
CA LEU D 159 -14.49 -32.84 3.87
C LEU D 159 -14.22 -32.61 5.35
N TYR D 160 -15.28 -32.66 6.15
CA TYR D 160 -15.21 -32.39 7.57
C TYR D 160 -15.69 -33.59 8.36
N TRP D 161 -15.15 -33.74 9.57
CA TRP D 161 -15.53 -34.82 10.48
C TRP D 161 -16.04 -34.21 11.78
N PHE D 162 -17.20 -34.69 12.24
CA PHE D 162 -17.83 -34.18 13.45
C PHE D 162 -18.12 -35.32 14.40
N LEU D 163 -18.08 -35.02 15.70
CA LEU D 163 -18.38 -35.99 16.74
C LEU D 163 -19.55 -35.47 17.57
N GLN D 164 -20.63 -36.23 17.60
CA GLN D 164 -21.82 -35.87 18.37
C GLN D 164 -21.94 -36.85 19.53
N ARG D 165 -21.50 -36.42 20.71
CA ARG D 165 -21.65 -37.24 21.90
C ARG D 165 -23.13 -37.27 22.31
N PRO D 166 -23.56 -38.34 22.98
CA PRO D 166 -24.97 -38.44 23.38
C PRO D 166 -25.38 -37.29 24.29
N GLY D 167 -26.47 -36.62 23.91
CA GLY D 167 -26.92 -35.46 24.67
C GLY D 167 -25.94 -34.31 24.68
N GLN D 168 -25.29 -34.06 23.54
CA GLN D 168 -24.31 -33.00 23.43
C GLN D 168 -24.24 -32.52 21.99
N SER D 169 -23.90 -31.23 21.82
CA SER D 169 -23.78 -30.68 20.49
C SER D 169 -22.58 -31.26 19.75
N PRO D 170 -22.68 -31.43 18.44
CA PRO D 170 -21.56 -32.00 17.68
C PRO D 170 -20.35 -31.07 17.71
N GLN D 171 -19.17 -31.68 17.66
CA GLN D 171 -17.91 -30.96 17.74
C GLN D 171 -17.04 -31.31 16.54
N LEU D 172 -16.41 -30.31 15.95
CA LEU D 172 -15.55 -30.54 14.80
C LEU D 172 -14.26 -31.22 15.23
N LEU D 173 -13.89 -32.29 14.53
CA LEU D 173 -12.65 -33.00 14.78
C LEU D 173 -11.60 -32.73 13.70
N ILE D 174 -11.94 -33.01 12.44
CA ILE D 174 -11.03 -32.83 11.32
C ILE D 174 -11.71 -31.95 10.29
N TYR D 175 -11.04 -30.89 9.87
CA TYR D 175 -11.53 -30.01 8.82
C TYR D 175 -10.62 -30.12 7.60
N ARG D 176 -11.24 -30.22 6.42
CA ARG D 176 -10.54 -30.45 5.16
C ARG D 176 -9.80 -31.78 5.15
N MET D 177 -10.31 -32.74 5.93
CA MET D 177 -9.96 -34.15 5.90
C MET D 177 -8.54 -34.46 6.38
N SER D 178 -7.73 -33.43 6.62
CA SER D 178 -6.35 -33.69 7.02
C SER D 178 -5.96 -32.85 8.23
N ASN D 179 -6.62 -31.72 8.43
CA ASN D 179 -6.23 -30.76 9.45
C ASN D 179 -7.01 -31.01 10.73
N LEU D 180 -6.30 -31.07 11.84
CA LEU D 180 -6.91 -31.34 13.14
C LEU D 180 -7.42 -30.04 13.75
N ALA D 181 -8.66 -30.08 14.25
CA ALA D 181 -9.25 -28.89 14.86
C ALA D 181 -8.58 -28.59 16.20
N SER D 182 -8.62 -27.33 16.59
CA SER D 182 -8.04 -26.91 17.85
C SER D 182 -8.83 -27.49 19.02
N GLY D 183 -8.12 -27.92 20.06
CA GLY D 183 -8.74 -28.51 21.22
C GLY D 183 -9.08 -29.98 21.09
N VAL D 184 -8.78 -30.59 19.94
CA VAL D 184 -9.06 -32.00 19.70
C VAL D 184 -7.78 -32.79 19.92
N PRO D 185 -7.81 -33.88 20.68
CA PRO D 185 -6.59 -34.64 20.93
C PRO D 185 -6.02 -35.27 19.66
N ASP D 186 -4.72 -35.53 19.69
CA ASP D 186 -4.00 -36.06 18.54
C ASP D 186 -4.42 -37.48 18.18
N ARG D 187 -5.19 -38.15 19.04
CA ARG D 187 -5.63 -39.51 18.74
C ARG D 187 -6.44 -39.56 17.45
N PHE D 188 -7.22 -38.53 17.16
CA PHE D 188 -8.00 -38.47 15.94
C PHE D 188 -7.11 -38.09 14.76
N SER D 189 -7.21 -38.85 13.67
CA SER D 189 -6.46 -38.58 12.46
C SER D 189 -7.32 -38.93 11.26
N GLY D 190 -7.33 -38.04 10.26
CA GLY D 190 -8.15 -38.22 9.09
C GLY D 190 -7.31 -38.29 7.83
N SER D 191 -7.82 -39.06 6.85
CA SER D 191 -7.15 -39.20 5.57
C SER D 191 -8.18 -39.54 4.51
N GLY D 192 -7.82 -39.30 3.25
CA GLY D 192 -8.72 -39.57 2.16
C GLY D 192 -7.97 -39.64 0.85
N SER D 193 -8.58 -40.31 -0.14
CA SER D 193 -8.00 -40.45 -1.46
C SER D 193 -8.70 -39.60 -2.50
N GLY D 194 -9.60 -38.70 -2.08
CA GLY D 194 -10.37 -37.86 -2.98
C GLY D 194 -11.83 -38.26 -3.08
N THR D 195 -12.12 -39.56 -3.01
CA THR D 195 -13.48 -40.06 -3.02
C THR D 195 -13.80 -40.90 -1.79
N ALA D 196 -12.88 -41.74 -1.34
CA ALA D 196 -13.05 -42.54 -0.13
C ALA D 196 -12.21 -41.93 0.98
N PHE D 197 -12.84 -41.64 2.11
CA PHE D 197 -12.20 -40.97 3.22
C PHE D 197 -12.31 -41.80 4.48
N THR D 198 -11.20 -41.89 5.23
CA THR D 198 -11.13 -42.69 6.44
C THR D 198 -10.69 -41.82 7.61
N LEU D 199 -11.41 -41.90 8.72
CA LEU D 199 -11.05 -41.23 9.96
C LEU D 199 -10.63 -42.29 10.97
N THR D 200 -9.41 -42.17 11.48
CA THR D 200 -8.84 -43.18 12.37
C THR D 200 -8.59 -42.58 13.75
N ILE D 201 -8.88 -43.35 14.79
CA ILE D 201 -8.62 -42.97 16.17
C ILE D 201 -7.59 -43.95 16.73
N SER D 202 -6.46 -43.41 17.20
CA SER D 202 -5.39 -44.27 17.71
C SER D 202 -5.82 -44.98 18.99
N ARG D 203 -6.33 -44.23 19.96
CA ARG D 203 -6.79 -44.79 21.22
C ARG D 203 -8.11 -44.15 21.61
N LEU D 204 -9.02 -44.95 22.14
CA LEU D 204 -10.33 -44.46 22.53
C LEU D 204 -10.33 -44.04 23.99
N GLU D 205 -11.40 -43.33 24.37
CA GLU D 205 -11.63 -42.91 25.74
C GLU D 205 -13.08 -43.18 26.09
N ALA D 206 -13.39 -43.07 27.38
CA ALA D 206 -14.77 -43.23 27.82
C ALA D 206 -15.68 -42.12 27.29
N GLU D 207 -15.10 -40.98 26.89
CA GLU D 207 -15.87 -39.85 26.38
C GLU D 207 -15.89 -39.79 24.85
N ASP D 208 -15.32 -40.79 24.17
CA ASP D 208 -15.34 -40.85 22.73
C ASP D 208 -16.60 -41.50 22.17
N VAL D 209 -17.52 -41.93 23.04
CA VAL D 209 -18.77 -42.52 22.58
C VAL D 209 -19.61 -41.44 21.90
N GLY D 210 -20.10 -41.75 20.72
CA GLY D 210 -20.92 -40.80 19.99
C GLY D 210 -21.08 -41.22 18.54
N VAL D 211 -21.67 -40.33 17.75
CA VAL D 211 -21.93 -40.55 16.34
C VAL D 211 -20.99 -39.66 15.54
N TYR D 212 -20.33 -40.25 14.55
CA TYR D 212 -19.37 -39.54 13.72
C TYR D 212 -20.00 -39.22 12.37
N TYR D 213 -19.95 -37.95 12.00
CA TYR D 213 -20.56 -37.46 10.77
C TYR D 213 -19.49 -36.93 9.83
N CYS D 214 -19.62 -37.25 8.54
CA CYS D 214 -18.74 -36.74 7.50
C CYS D 214 -19.53 -35.78 6.63
N MET D 215 -18.98 -34.57 6.45
CA MET D 215 -19.66 -33.52 5.71
C MET D 215 -18.75 -33.00 4.61
N GLN D 216 -19.34 -32.70 3.46
CA GLN D 216 -18.63 -32.08 2.35
C GLN D 216 -18.92 -30.59 2.31
N HIS D 217 -17.92 -29.81 1.91
CA HIS D 217 -18.07 -28.37 1.76
C HIS D 217 -17.70 -27.90 0.36
N LEU D 218 -17.69 -28.80 -0.62
CA LEU D 218 -17.29 -28.44 -1.97
C LEU D 218 -18.31 -27.48 -2.60
N GLU D 219 -19.59 -27.80 -2.50
CA GLU D 219 -20.64 -26.99 -3.09
C GLU D 219 -21.90 -27.07 -2.25
N TYR D 220 -22.67 -26.00 -2.26
CA TYR D 220 -23.95 -25.98 -1.57
C TYR D 220 -25.00 -26.72 -2.41
N PRO D 221 -25.98 -27.35 -1.76
CA PRO D 221 -26.20 -27.46 -0.31
C PRO D 221 -25.25 -28.46 0.35
N LEU D 222 -24.87 -28.19 1.59
CA LEU D 222 -23.97 -29.08 2.31
C LEU D 222 -24.72 -30.33 2.76
N THR D 223 -24.08 -31.48 2.58
CA THR D 223 -24.71 -32.76 2.91
C THR D 223 -23.84 -33.53 3.90
N PHE D 224 -24.48 -34.03 4.93
CA PHE D 224 -23.74 -34.76 5.97
C PHE D 224 -23.89 -36.26 5.72
N GLY D 225 -23.01 -37.04 6.32
CA GLY D 225 -23.10 -38.51 6.21
C GLY D 225 -24.15 -39.04 7.14
N ALA D 226 -24.58 -40.28 6.93
CA ALA D 226 -25.67 -40.84 7.73
C ALA D 226 -25.29 -40.89 9.21
N GLY D 227 -24.06 -41.31 9.51
CA GLY D 227 -23.60 -41.30 10.91
C GLY D 227 -23.16 -42.64 11.40
N THR D 228 -21.91 -42.77 11.79
CA THR D 228 -21.38 -44.00 12.37
C THR D 228 -21.36 -43.85 13.88
N LYS D 229 -22.04 -44.76 14.58
CA LYS D 229 -22.15 -44.73 16.03
C LYS D 229 -21.10 -45.66 16.64
N LEU D 230 -20.37 -45.15 17.62
CA LEU D 230 -19.37 -45.92 18.35
C LEU D 230 -19.89 -46.17 19.75
N GLU D 231 -19.93 -47.45 20.15
CA GLU D 231 -20.44 -47.83 21.46
C GLU D 231 -19.49 -48.82 22.11
N LEU D 232 -19.54 -48.86 23.44
CA LEU D 232 -18.67 -49.74 24.22
C LEU D 232 -19.26 -51.14 24.32
N PRO E 1 -6.96 15.87 -56.85
CA PRO E 1 -7.16 16.54 -55.58
C PRO E 1 -7.75 17.95 -55.72
N ASP E 2 -8.98 18.14 -55.24
CA ASP E 2 -9.59 19.50 -55.27
C ASP E 2 -8.81 20.41 -54.32
N TRP E 3 -8.84 21.72 -54.55
CA TRP E 3 -7.99 22.58 -53.68
C TRP E 3 -8.45 22.41 -52.23
N LYS E 4 -9.76 22.48 -51.97
CA LYS E 4 -10.25 22.23 -50.60
C LYS E 4 -9.88 20.81 -50.20
N SER E 5 -10.08 19.85 -51.09
CA SER E 5 -9.82 18.45 -50.67
C SER E 5 -8.38 18.40 -50.18
N SER E 6 -7.47 19.00 -50.92
CA SER E 6 -6.04 18.91 -50.55
C SER E 6 -5.86 19.47 -49.15
N LEU E 7 -6.40 20.65 -48.89
CA LEU E 7 -6.18 21.28 -47.57
C LEU E 7 -6.83 20.41 -46.50
N ILE E 8 -8.08 20.04 -46.71
CA ILE E 8 -8.81 19.31 -45.65
C ILE E 8 -8.13 17.96 -45.41
N LEU E 9 -7.75 17.24 -46.48
CA LEU E 9 -7.18 15.89 -46.25
C LEU E 9 -5.86 16.06 -45.50
N MET E 10 -5.01 16.99 -45.93
CA MET E 10 -3.67 17.08 -45.29
C MET E 10 -3.85 17.54 -43.84
N ALA E 11 -4.80 18.45 -43.63
CA ALA E 11 -5.00 18.96 -42.26
C ALA E 11 -5.39 17.77 -41.40
N TYR E 12 -6.34 16.97 -41.84
CA TYR E 12 -6.64 15.82 -40.96
C TYR E 12 -5.39 14.96 -40.81
N ILE E 13 -4.66 14.73 -41.90
CA ILE E 13 -3.50 13.80 -41.81
C ILE E 13 -2.48 14.35 -40.81
N ILE E 14 -2.15 15.64 -40.88
CA ILE E 14 -1.10 16.10 -39.93
C ILE E 14 -1.63 15.88 -38.51
N ILE E 15 -2.88 16.27 -38.26
CA ILE E 15 -3.48 16.02 -36.95
C ILE E 15 -3.49 14.53 -36.65
N PHE E 16 -3.79 13.70 -37.65
CA PHE E 16 -3.78 12.25 -37.44
C PHE E 16 -2.40 11.75 -37.12
N LEU E 17 -1.38 12.24 -37.84
CA LEU E 17 -0.02 11.76 -37.62
C LEU E 17 0.56 12.29 -36.30
N THR E 18 0.37 13.58 -36.03
CA THR E 18 0.91 14.16 -34.80
C THR E 18 0.08 13.77 -33.58
N GLY E 19 -1.25 13.77 -33.72
CA GLY E 19 -2.11 13.56 -32.57
C GLY E 19 -2.03 12.16 -31.99
N LEU E 20 -1.96 11.15 -32.86
CA LEU E 20 -2.09 9.76 -32.39
C LEU E 20 -1.03 9.36 -31.38
N PRO E 21 0.27 9.59 -31.59
CA PRO E 21 1.24 9.27 -30.53
C PRO E 21 1.01 10.06 -29.25
N ALA E 22 0.53 11.30 -29.36
CA ALA E 22 0.35 12.14 -28.18
C ALA E 22 -0.73 11.58 -27.26
N ASN E 23 -1.89 11.23 -27.81
CA ASN E 23 -2.94 10.64 -26.98
C ASN E 23 -2.54 9.27 -26.47
N LEU E 24 -1.90 8.46 -27.33
CA LEU E 24 -1.48 7.13 -26.91
C LEU E 24 -0.48 7.20 -25.76
N LEU E 25 0.48 8.12 -25.84
CA LEU E 25 1.38 8.34 -24.72
C LEU E 25 0.61 8.84 -23.50
N ALA E 26 -0.34 9.76 -23.71
CA ALA E 26 -1.17 10.23 -22.62
C ALA E 26 -2.09 9.14 -22.10
N LEU E 27 -2.64 8.31 -23.00
CA LEU E 27 -3.59 7.29 -22.58
C LEU E 27 -2.93 6.28 -21.63
N ARG E 28 -1.72 5.81 -21.96
CA ARG E 28 -1.08 4.81 -21.13
C ARG E 28 -0.75 5.36 -19.75
N ALA E 29 -0.31 6.62 -19.68
CA ALA E 29 -0.03 7.23 -18.39
C ALA E 29 -1.31 7.48 -17.61
N PHE E 30 -2.38 7.88 -18.29
CA PHE E 30 -3.63 8.20 -17.61
C PHE E 30 -4.25 6.96 -16.98
N VAL E 31 -4.25 5.83 -17.69
CA VAL E 31 -4.75 4.60 -17.08
C VAL E 31 -3.82 4.14 -15.98
N GLY E 32 -2.51 4.30 -16.16
CA GLY E 32 -1.58 3.97 -15.10
C GLY E 32 -1.80 4.83 -13.86
N ARG E 33 -2.13 6.10 -14.06
CA ARG E 33 -2.44 6.98 -12.94
C ARG E 33 -3.72 6.55 -12.23
N ILE E 34 -4.72 6.08 -12.97
CA ILE E 34 -6.00 5.72 -12.36
C ILE E 34 -5.86 4.48 -11.48
N ARG E 35 -4.75 3.75 -11.64
CA ARG E 35 -4.53 2.55 -10.80
C ARG E 35 -4.02 3.02 -9.45
N GLN E 36 -3.13 4.01 -9.45
CA GLN E 36 -2.52 4.47 -8.19
C GLN E 36 -3.63 4.92 -7.26
N PRO E 37 -3.53 4.66 -5.95
CA PRO E 37 -4.62 4.96 -5.02
C PRO E 37 -5.13 6.40 -4.97
N GLN E 38 -6.41 6.57 -4.61
CA GLN E 38 -7.03 7.91 -4.52
C GLN E 38 -6.79 8.69 -5.83
N PRO E 39 -7.29 8.25 -7.00
CA PRO E 39 -7.13 9.03 -8.22
C PRO E 39 -7.95 10.31 -8.13
N ALA E 40 -7.53 11.36 -8.83
CA ALA E 40 -8.22 12.67 -8.67
C ALA E 40 -9.21 12.89 -9.80
N PRO E 41 -10.32 13.63 -9.59
CA PRO E 41 -11.33 13.80 -10.65
C PRO E 41 -10.77 14.37 -11.94
N VAL E 42 -9.72 15.20 -11.86
CA VAL E 42 -9.11 15.72 -13.08
C VAL E 42 -8.46 14.59 -13.86
N HIS E 43 -7.91 13.59 -13.16
CA HIS E 43 -7.33 12.44 -13.85
C HIS E 43 -8.39 11.64 -14.60
N ILE E 44 -9.56 11.48 -13.99
CA ILE E 44 -10.66 10.79 -14.67
C ILE E 44 -11.13 11.60 -15.88
N LEU E 45 -11.28 12.91 -15.71
CA LEU E 45 -11.69 13.76 -16.82
C LEU E 45 -10.63 13.77 -17.92
N LEU E 46 -9.36 13.84 -17.54
CA LEU E 46 -8.29 13.77 -18.53
C LEU E 46 -8.29 12.43 -19.25
N LEU E 47 -8.49 11.34 -18.52
CA LEU E 47 -8.58 10.02 -19.14
C LEU E 47 -9.79 9.93 -20.05
N SER E 48 -10.94 10.46 -19.61
CA SER E 48 -12.12 10.47 -20.46
C SER E 48 -11.91 11.33 -21.69
N LEU E 49 -11.24 12.48 -21.53
CA LEU E 49 -10.97 13.35 -22.66
C LEU E 49 -10.07 12.67 -23.68
N THR E 50 -9.04 11.95 -23.21
CA THR E 50 -8.15 11.24 -24.13
C THR E 50 -8.88 10.14 -24.87
N LEU E 51 -9.74 9.38 -24.18
CA LEU E 51 -10.53 8.35 -24.83
C LEU E 51 -11.48 8.96 -25.86
N ALA E 52 -12.12 10.08 -25.50
CA ALA E 52 -13.01 10.76 -26.44
C ALA E 52 -12.23 11.27 -27.65
N ASP E 53 -11.03 11.82 -27.42
CA ASP E 53 -10.22 12.30 -28.53
C ASP E 53 -9.78 11.17 -29.45
N LEU E 54 -9.44 10.00 -28.89
CA LEU E 54 -9.06 8.87 -29.73
C LEU E 54 -10.22 8.42 -30.61
N LEU E 55 -11.44 8.38 -30.05
CA LEU E 55 -12.61 8.03 -30.85
C LEU E 55 -12.76 8.99 -32.02
N LEU E 56 -12.47 10.28 -31.80
CA LEU E 56 -12.46 11.24 -32.89
C LEU E 56 -11.34 10.92 -33.89
N LEU E 57 -10.17 10.56 -33.39
CA LEU E 57 -9.01 10.40 -34.27
C LEU E 57 -9.09 9.08 -35.06
N LEU E 58 -9.75 8.07 -34.51
CA LEU E 58 -9.85 6.80 -35.22
C LEU E 58 -10.79 6.90 -36.42
N LEU E 59 -11.87 7.67 -36.29
CA LEU E 59 -12.78 7.88 -37.41
C LEU E 59 -12.34 9.03 -38.31
N LEU E 60 -11.22 9.68 -38.01
CA LEU E 60 -10.68 10.73 -38.88
C LEU E 60 -10.19 10.14 -40.21
N PRO E 61 -9.60 8.94 -40.24
CA PRO E 61 -9.31 8.32 -41.55
C PRO E 61 -10.52 8.24 -42.46
N PHE E 62 -11.70 7.98 -41.90
CA PHE E 62 -12.91 7.96 -42.72
C PHE E 62 -13.14 9.31 -43.38
N LYS E 63 -12.91 10.39 -42.64
CA LYS E 63 -13.00 11.73 -43.23
C LYS E 63 -11.78 12.02 -44.11
N ILE E 64 -10.65 11.38 -43.82
CA ILE E 64 -9.45 11.59 -44.63
C ILE E 64 -9.68 11.11 -46.06
N ILE E 65 -10.17 9.87 -46.20
CA ILE E 65 -10.39 9.31 -47.53
C ILE E 65 -11.60 9.96 -48.19
N GLU E 66 -12.60 10.33 -47.40
CA GLU E 66 -13.80 10.96 -47.95
C GLU E 66 -13.49 12.34 -48.51
N ALA E 67 -12.75 13.15 -47.75
CA ALA E 67 -12.39 14.48 -48.23
C ALA E 67 -11.43 14.41 -49.42
N ALA E 68 -10.49 13.47 -49.39
CA ALA E 68 -9.55 13.34 -50.49
C ALA E 68 -10.26 12.96 -51.79
N SER E 69 -11.20 12.02 -51.72
CA SER E 69 -11.94 11.63 -52.91
C SER E 69 -12.88 12.74 -53.37
N ASN E 70 -13.57 13.38 -52.43
CA ASN E 70 -14.50 14.44 -52.77
C ASN E 70 -13.78 15.78 -52.92
N LEU E 71 -18.53 6.26 -47.96
CA LEU E 71 -19.42 6.23 -49.12
C LEU E 71 -20.76 5.51 -48.85
N PRO E 72 -20.75 4.34 -48.21
CA PRO E 72 -22.02 3.72 -47.85
C PRO E 72 -22.83 4.60 -46.91
N LYS E 73 -24.16 4.55 -47.07
CA LYS E 73 -25.02 5.44 -46.31
C LYS E 73 -24.94 5.16 -44.81
N VAL E 74 -24.92 3.88 -44.42
CA VAL E 74 -24.81 3.54 -43.01
C VAL E 74 -23.41 3.84 -42.50
N VAL E 75 -22.38 3.53 -43.30
CA VAL E 75 -21.00 3.77 -42.89
C VAL E 75 -20.78 5.26 -42.67
N CYS E 76 -21.28 6.10 -43.58
CA CYS E 76 -21.20 7.54 -43.37
C CYS E 76 -21.98 7.96 -42.13
N ALA E 77 -23.19 7.39 -41.95
CA ALA E 77 -23.99 7.73 -40.79
C ALA E 77 -23.32 7.26 -39.50
N LEU E 78 -22.73 6.06 -39.50
CA LEU E 78 -22.03 5.57 -38.34
C LEU E 78 -20.82 6.45 -38.02
N THR E 79 -20.07 6.85 -39.05
CA THR E 79 -18.93 7.73 -38.84
C THR E 79 -19.39 9.12 -38.43
N SER E 80 -20.37 9.68 -39.15
CA SER E 80 -20.85 11.03 -38.83
C SER E 80 -21.47 11.09 -37.44
N PHE E 81 -21.71 9.95 -36.82
CA PHE E 81 -22.20 10.00 -35.43
C PHE E 81 -21.00 9.98 -34.50
N GLY E 82 -20.10 9.02 -34.67
CA GLY E 82 -19.00 8.92 -33.71
C GLY E 82 -18.17 10.19 -33.69
N PHE E 83 -17.90 10.72 -34.86
CA PHE E 83 -16.99 11.86 -34.97
C PHE E 83 -17.60 13.06 -34.29
N TYR E 84 -18.74 13.51 -34.79
CA TYR E 84 -19.36 14.73 -34.23
C TYR E 84 -19.73 14.51 -32.77
N SER E 85 -20.11 13.31 -32.36
CA SER E 85 -20.38 13.12 -30.91
C SER E 85 -19.09 13.30 -30.11
N SER E 86 -17.95 12.81 -30.61
CA SER E 86 -16.70 13.07 -29.86
C SER E 86 -16.43 14.56 -29.77
N ILE E 87 -16.57 15.30 -30.87
CA ILE E 87 -16.45 16.78 -30.79
C ILE E 87 -17.21 17.24 -29.57
N TYR E 88 -18.49 16.91 -29.50
CA TYR E 88 -19.20 17.48 -28.37
C TYR E 88 -18.90 16.79 -27.06
N CYS E 89 -18.30 15.60 -27.10
CA CYS E 89 -17.84 14.98 -25.86
C CYS E 89 -16.62 15.69 -25.29
N SER E 90 -15.70 16.15 -26.15
CA SER E 90 -14.56 16.92 -25.68
C SER E 90 -15.00 18.31 -25.21
N THR E 91 -16.01 18.89 -25.84
CA THR E 91 -16.48 20.22 -25.43
C THR E 91 -17.01 20.18 -24.00
N TRP E 92 -17.79 19.15 -23.66
CA TRP E 92 -18.32 19.07 -22.31
C TRP E 92 -17.25 18.62 -21.32
N LEU E 93 -16.34 17.76 -21.75
CA LEU E 93 -15.26 17.33 -20.86
C LEU E 93 -14.28 18.47 -20.58
N LEU E 94 -14.05 19.34 -21.57
CA LEU E 94 -13.20 20.50 -21.32
C LEU E 94 -13.83 21.45 -20.30
N ALA E 95 -15.15 21.60 -20.33
CA ALA E 95 -15.83 22.38 -19.32
C ALA E 95 -15.70 21.74 -17.94
N GLY E 96 -15.69 20.41 -17.87
CA GLY E 96 -15.51 19.74 -16.60
C GLY E 96 -14.13 20.00 -16.01
N ILE E 97 -13.10 20.00 -16.86
CA ILE E 97 -11.76 20.32 -16.40
C ILE E 97 -11.68 21.78 -15.94
N SER E 98 -12.41 22.67 -16.62
CA SER E 98 -12.44 24.07 -16.22
C SER E 98 -13.04 24.22 -14.82
N ILE E 99 -14.07 23.43 -14.51
CA ILE E 99 -14.66 23.47 -13.17
C ILE E 99 -13.65 22.95 -12.15
N GLU E 100 -12.90 21.91 -12.49
CA GLU E 100 -11.90 21.37 -11.57
C GLU E 100 -10.83 22.41 -11.26
N ARG E 101 -10.36 23.12 -12.28
CA ARG E 101 -9.30 24.10 -12.07
C ARG E 101 -9.79 25.27 -11.22
N TYR E 102 -11.01 25.74 -11.47
CA TYR E 102 -11.55 26.82 -10.65
C TYR E 102 -11.81 26.36 -9.22
N LEU E 103 -12.35 25.16 -9.04
CA LEU E 103 -12.64 24.68 -7.70
C LEU E 103 -11.38 24.34 -6.93
N GLY E 104 -10.32 23.91 -7.62
CA GLY E 104 -9.07 23.58 -6.97
C GLY E 104 -8.19 24.76 -6.66
N VAL E 105 -8.61 25.97 -7.01
CA VAL E 105 -7.86 27.18 -6.75
C VAL E 105 -8.65 28.17 -5.89
N ALA E 106 -9.93 28.35 -6.19
CA ALA E 106 -10.76 29.22 -5.37
C ALA E 106 -10.89 28.70 -3.94
N PHE E 107 -11.04 27.39 -3.79
CA PHE E 107 -11.10 26.73 -2.49
C PHE E 107 -10.13 25.57 -2.50
N PRO E 108 -8.83 25.84 -2.40
CA PRO E 108 -7.82 24.77 -2.56
C PRO E 108 -7.81 23.77 -1.42
N VAL E 109 -7.84 24.27 -0.17
CA VAL E 109 -7.77 23.37 0.98
C VAL E 109 -9.05 22.55 1.10
N GLN E 110 -10.20 23.16 0.80
CA GLN E 110 -11.46 22.44 0.88
C GLN E 110 -11.58 21.41 -0.24
N TYR E 111 -11.07 21.74 -1.43
CA TYR E 111 -11.13 20.80 -2.54
C TYR E 111 -10.29 19.56 -2.26
N LYS E 112 -9.12 19.73 -1.66
CA LYS E 112 -8.22 18.60 -1.42
C LYS E 112 -8.86 17.58 -0.48
N LEU E 113 -9.49 18.05 0.59
CA LEU E 113 -10.07 17.13 1.57
C LEU E 113 -11.35 16.49 1.04
N SER E 114 -12.16 17.26 0.31
CA SER E 114 -13.41 16.76 -0.25
C SER E 114 -13.24 16.12 -1.62
N ARG E 115 -12.01 15.99 -2.10
CA ARG E 115 -11.73 15.41 -3.40
C ARG E 115 -12.14 13.94 -3.40
N ARG E 116 -13.12 13.58 -4.22
CA ARG E 116 -13.60 12.22 -4.34
C ARG E 116 -13.58 11.81 -5.81
N PRO E 117 -13.04 10.63 -6.14
CA PRO E 117 -13.05 10.19 -7.54
C PRO E 117 -14.44 9.98 -8.10
N LEU E 118 -15.45 9.80 -7.25
CA LEU E 118 -16.82 9.64 -7.73
C LEU E 118 -17.29 10.89 -8.46
N TYR E 119 -16.89 12.07 -7.98
CA TYR E 119 -17.29 13.32 -8.63
C TYR E 119 -16.76 13.38 -10.06
N GLY E 120 -15.53 12.95 -10.27
CA GLY E 120 -14.99 12.91 -11.63
C GLY E 120 -15.72 11.92 -12.51
N VAL E 121 -16.16 10.80 -11.93
CA VAL E 121 -16.95 9.83 -12.69
C VAL E 121 -18.29 10.44 -13.09
N ILE E 122 -18.94 11.16 -12.17
CA ILE E 122 -20.22 11.80 -12.48
C ILE E 122 -20.05 12.81 -13.60
N ALA E 123 -19.01 13.64 -13.53
CA ALA E 123 -18.77 14.62 -14.58
C ALA E 123 -18.46 13.92 -15.91
N ALA E 124 -17.65 12.86 -15.86
CA ALA E 124 -17.36 12.12 -17.09
C ALA E 124 -18.61 11.44 -17.64
N LEU E 125 -19.41 10.83 -16.77
CA LEU E 125 -20.62 10.16 -17.23
C LEU E 125 -21.62 11.15 -17.81
N VAL E 126 -21.77 12.32 -17.17
CA VAL E 126 -22.70 13.33 -17.67
C VAL E 126 -22.26 13.82 -19.04
N ALA E 127 -20.96 14.07 -19.21
CA ALA E 127 -20.47 14.56 -20.49
C ALA E 127 -20.69 13.55 -21.60
N TRP E 128 -20.37 12.26 -21.33
CA TRP E 128 -20.56 11.24 -22.34
C TRP E 128 -22.03 11.00 -22.64
N VAL E 129 -22.87 11.00 -21.61
CA VAL E 129 -24.30 10.75 -21.81
C VAL E 129 -24.94 11.90 -22.58
N MET E 130 -24.64 13.14 -22.20
CA MET E 130 -25.27 14.29 -22.83
C MET E 130 -24.81 14.47 -24.27
N SER E 131 -23.51 14.26 -24.53
CA SER E 131 -23.00 14.44 -25.88
C SER E 131 -23.50 13.34 -26.81
N PHE E 132 -23.41 12.09 -26.37
CA PHE E 132 -23.88 10.98 -27.20
C PHE E 132 -25.38 11.03 -27.41
N GLY E 133 -26.13 11.33 -26.34
CA GLY E 133 -27.59 11.24 -26.43
C GLY E 133 -28.17 12.21 -27.43
N HIS E 134 -27.72 13.46 -27.40
CA HIS E 134 -28.24 14.46 -28.34
C HIS E 134 -27.80 14.15 -29.76
N CYS E 135 -26.58 13.63 -29.94
CA CYS E 135 -26.09 13.34 -31.27
C CYS E 135 -26.86 12.20 -31.92
N THR E 136 -27.37 11.27 -31.11
CA THR E 136 -28.20 10.20 -31.65
C THR E 136 -29.46 10.76 -32.30
N ILE E 137 -30.09 11.74 -31.64
CA ILE E 137 -31.31 12.34 -32.18
C ILE E 137 -31.02 13.05 -33.50
N VAL E 138 -29.84 13.68 -33.59
CA VAL E 138 -29.47 14.37 -34.82
C VAL E 138 -29.37 13.38 -35.98
N ILE E 139 -28.72 12.24 -35.74
CA ILE E 139 -28.47 11.28 -36.82
C ILE E 139 -29.77 10.70 -37.37
N ILE E 140 -30.69 10.30 -36.49
CA ILE E 140 -31.95 9.72 -36.95
C ILE E 140 -32.77 10.76 -37.71
N VAL E 141 -32.63 12.02 -37.32
CA VAL E 141 -33.40 13.12 -37.98
C VAL E 141 -32.65 13.50 -39.27
N GLN E 142 -31.36 13.22 -39.34
CA GLN E 142 -30.64 13.50 -40.61
C GLN E 142 -30.88 12.31 -41.56
N TYR E 143 -30.70 11.09 -41.07
CA TYR E 143 -30.81 9.94 -41.99
C TYR E 143 -31.35 8.72 -41.27
N LEU E 144 -31.92 7.77 -42.00
CA LEU E 144 -32.39 6.53 -41.38
C LEU E 144 -33.56 6.78 -40.44
N CYS E 145 -20.24 12.94 -47.20
CA CYS E 145 -20.76 11.96 -48.16
C CYS E 145 -21.96 12.51 -48.93
N TYR E 146 -21.75 13.66 -49.57
CA TYR E 146 -22.75 14.37 -50.38
C TYR E 146 -24.12 14.35 -49.70
N GLU E 147 -24.17 14.99 -48.53
CA GLU E 147 -25.39 14.98 -47.72
C GLU E 147 -26.60 15.46 -48.52
N ASN E 148 -26.45 16.55 -49.26
CA ASN E 148 -27.47 17.08 -50.17
C ASN E 148 -28.86 17.06 -49.53
N PHE E 149 -28.97 17.75 -48.40
CA PHE E 149 -30.21 17.74 -47.63
C PHE E 149 -31.36 18.34 -48.44
N THR E 150 -32.51 17.66 -48.40
CA THR E 150 -33.70 18.17 -49.07
C THR E 150 -34.23 19.40 -48.35
N ASP E 151 -34.71 20.38 -49.12
CA ASP E 151 -35.18 21.62 -48.54
C ASP E 151 -36.39 21.41 -47.64
N ASN E 152 -37.32 20.54 -48.07
CA ASN E 152 -38.52 20.29 -47.26
C ASN E 152 -38.17 19.65 -45.94
N GLN E 153 -37.25 18.68 -45.94
CA GLN E 153 -36.84 18.01 -44.72
C GLN E 153 -35.73 18.77 -43.98
N LEU E 154 -35.29 19.90 -44.50
CA LEU E 154 -34.32 20.72 -43.78
C LEU E 154 -34.92 21.31 -42.52
N ASP E 155 -36.24 21.46 -42.48
CA ASP E 155 -36.90 22.14 -41.37
C ASP E 155 -36.87 21.32 -40.09
N VAL E 156 -36.36 20.09 -40.17
CA VAL E 156 -36.16 19.27 -38.98
C VAL E 156 -34.68 19.07 -38.66
N VAL E 157 -33.80 19.12 -39.66
CA VAL E 157 -32.37 19.01 -39.38
C VAL E 157 -31.85 20.26 -38.70
N LEU E 158 -32.26 21.44 -39.18
CA LEU E 158 -31.77 22.69 -38.60
C LEU E 158 -32.17 22.89 -37.14
N PRO E 159 -33.43 22.72 -36.73
CA PRO E 159 -33.76 22.99 -35.31
C PRO E 159 -32.98 22.15 -34.32
N VAL E 160 -32.71 20.89 -34.66
CA VAL E 160 -31.88 20.07 -33.75
C VAL E 160 -30.42 20.55 -33.89
N ARG E 161 -29.98 20.83 -35.12
CA ARG E 161 -28.61 21.37 -35.30
C ARG E 161 -28.49 22.65 -34.47
N LEU E 162 -29.55 23.44 -34.35
CA LEU E 162 -29.39 24.62 -33.45
C LEU E 162 -29.43 24.11 -32.02
N GLU E 163 -30.47 23.38 -31.64
CA GLU E 163 -30.46 22.94 -30.25
C GLU E 163 -29.08 22.43 -29.84
N LEU E 164 -28.28 21.95 -30.80
CA LEU E 164 -26.95 21.48 -30.48
C LEU E 164 -26.05 22.63 -30.02
N CYS E 165 -26.05 23.72 -30.79
CA CYS E 165 -25.21 24.86 -30.44
C CYS E 165 -25.73 25.60 -29.22
N LEU E 166 -27.06 25.70 -29.08
CA LEU E 166 -27.63 26.45 -27.97
C LEU E 166 -27.47 25.72 -26.64
N VAL E 167 -27.36 24.40 -26.67
CA VAL E 167 -27.30 23.59 -25.45
C VAL E 167 -25.95 22.89 -25.30
N LEU E 168 -25.59 22.05 -26.28
CA LEU E 168 -24.38 21.25 -26.12
C LEU E 168 -23.10 22.07 -26.25
N PHE E 169 -23.18 23.33 -26.67
CA PHE E 169 -22.00 24.17 -26.78
C PHE E 169 -22.06 25.40 -25.88
N PHE E 170 -23.18 26.11 -25.89
CA PHE E 170 -23.26 27.35 -25.13
C PHE E 170 -23.20 27.13 -23.62
N ILE E 171 -23.62 25.97 -23.13
CA ILE E 171 -23.55 25.68 -21.70
C ILE E 171 -22.11 25.38 -21.31
N PRO E 172 -21.39 24.48 -22.01
CA PRO E 172 -19.95 24.35 -21.70
C PRO E 172 -19.17 25.63 -21.94
N MET E 173 -19.55 26.41 -22.96
CA MET E 173 -18.84 27.67 -23.20
C MET E 173 -19.05 28.66 -22.07
N ALA E 174 -20.28 28.76 -21.56
CA ALA E 174 -20.54 29.68 -20.46
C ALA E 174 -19.77 29.26 -19.21
N VAL E 175 -19.71 27.95 -18.94
CA VAL E 175 -18.98 27.47 -17.78
C VAL E 175 -17.49 27.72 -17.94
N THR E 176 -16.95 27.41 -19.12
CA THR E 176 -15.51 27.55 -19.33
C THR E 176 -15.08 29.01 -19.27
N ILE E 177 -15.87 29.92 -19.86
CA ILE E 177 -15.54 31.33 -19.79
C ILE E 177 -15.59 31.83 -18.35
N PHE E 178 -16.63 31.43 -17.61
CA PHE E 178 -16.77 31.90 -16.23
C PHE E 178 -15.69 31.29 -15.33
N CYS E 179 -15.43 30.00 -15.47
CA CYS E 179 -14.47 29.34 -14.58
C CYS E 179 -13.05 29.83 -14.85
N TYR E 180 -12.66 29.97 -16.11
CA TYR E 180 -11.30 30.37 -16.41
C TYR E 180 -11.07 31.86 -16.13
N TRP E 181 -12.11 32.69 -16.28
CA TRP E 181 -11.98 34.09 -15.90
C TRP E 181 -11.87 34.22 -14.38
N ARG E 182 -12.68 33.47 -13.64
CA ARG E 182 -12.55 33.45 -12.19
C ARG E 182 -11.21 32.87 -11.76
N PHE E 183 -10.75 31.82 -12.45
CA PHE E 183 -9.46 31.23 -12.12
C PHE E 183 -8.34 32.23 -12.30
N VAL E 184 -8.35 32.99 -13.39
CA VAL E 184 -7.33 34.01 -13.61
C VAL E 184 -7.45 35.11 -12.57
N TRP E 185 -8.68 35.47 -12.20
CA TRP E 185 -8.91 36.50 -11.19
C TRP E 185 -8.30 36.09 -9.85
N ILE E 186 -8.52 34.82 -9.45
CA ILE E 186 -7.99 34.35 -8.18
C ILE E 186 -6.47 34.25 -8.23
N MET E 187 -5.93 33.75 -9.34
CA MET E 187 -4.49 33.55 -9.44
C MET E 187 -3.73 34.86 -9.31
N LEU E 188 -4.21 35.90 -9.98
CA LEU E 188 -3.45 37.18 -9.96
C LEU E 188 -3.50 37.73 -8.54
N SER E 189 -4.62 37.55 -7.84
CA SER E 189 -4.77 38.05 -6.45
C SER E 189 -3.78 37.35 -5.53
N GLN E 190 -3.54 36.05 -5.74
CA GLN E 190 -2.64 35.28 -4.85
C GLN E 190 -1.26 35.93 -4.84
N PRO E 191 -0.64 36.16 -3.67
CA PRO E 191 0.66 36.83 -3.59
C PRO E 191 1.84 35.87 -3.44
N GLY E 192 4.77 34.78 -9.33
CA GLY E 192 4.09 34.25 -8.14
C GLY E 192 4.96 33.27 -7.37
N ALA E 193 4.40 32.58 -6.38
CA ALA E 193 5.21 31.68 -5.53
C ALA E 193 5.85 30.57 -6.37
N GLN E 194 5.07 29.89 -7.23
CA GLN E 194 5.66 28.90 -8.16
C GLN E 194 4.93 28.94 -9.50
N ARG E 195 5.52 29.60 -10.50
CA ARG E 195 4.95 29.63 -11.87
C ARG E 195 3.46 30.00 -11.78
N ARG E 196 3.10 30.89 -10.88
CA ARG E 196 1.70 31.36 -10.84
C ARG E 196 1.46 32.16 -12.12
N ARG E 197 2.52 32.65 -12.75
CA ARG E 197 2.36 33.38 -14.04
C ARG E 197 2.09 32.37 -15.14
N ARG E 198 2.92 31.33 -15.25
CA ARG E 198 2.69 30.29 -16.24
C ARG E 198 1.23 29.84 -16.23
N ALA E 199 0.64 29.73 -15.04
CA ALA E 199 -0.74 29.25 -14.91
C ALA E 199 -1.72 30.17 -15.61
N VAL E 200 -1.56 31.49 -15.47
CA VAL E 200 -2.43 32.44 -16.15
C VAL E 200 -2.28 32.29 -17.66
N GLY E 201 -1.03 32.15 -18.13
CA GLY E 201 -0.82 31.93 -19.56
C GLY E 201 -1.41 30.61 -20.04
N LEU E 202 -1.26 29.56 -19.25
CA LEU E 202 -1.81 28.26 -19.63
C LEU E 202 -3.34 28.30 -19.66
N ALA E 203 -3.97 28.96 -18.69
CA ALA E 203 -5.42 29.04 -18.67
C ALA E 203 -5.95 29.87 -19.83
N VAL E 204 -5.31 31.00 -20.12
CA VAL E 204 -5.75 31.83 -21.23
C VAL E 204 -5.60 31.08 -22.56
N VAL E 205 -4.48 30.37 -22.72
CA VAL E 205 -4.29 29.57 -23.93
C VAL E 205 -5.36 28.50 -24.04
N THR E 206 -5.65 27.81 -22.93
CA THR E 206 -6.68 26.78 -22.94
C THR E 206 -8.05 27.38 -23.24
N LEU E 207 -8.35 28.54 -22.66
CA LEU E 207 -9.62 29.19 -22.94
C LEU E 207 -9.71 29.62 -24.40
N LEU E 208 -8.62 30.18 -24.94
CA LEU E 208 -8.60 30.53 -26.36
C LEU E 208 -8.69 29.29 -27.24
N ASN E 209 -8.01 28.22 -26.84
CA ASN E 209 -8.07 26.97 -27.60
C ASN E 209 -9.49 26.43 -27.65
N PHE E 210 -10.21 26.51 -26.53
CA PHE E 210 -11.60 26.08 -26.51
C PHE E 210 -12.46 26.90 -27.46
N LEU E 211 -12.25 28.22 -27.49
CA LEU E 211 -13.04 29.09 -28.35
C LEU E 211 -12.64 28.95 -29.81
N VAL E 212 -11.33 28.85 -30.07
CA VAL E 212 -10.85 28.79 -31.45
C VAL E 212 -11.23 27.45 -32.09
N CYS E 213 -11.16 26.36 -31.34
CA CYS E 213 -11.42 25.05 -31.91
C CYS E 213 -12.90 24.80 -32.10
N PHE E 214 -13.67 24.78 -31.01
CA PHE E 214 -15.07 24.43 -31.04
C PHE E 214 -15.98 25.58 -31.43
N GLY E 215 -15.42 26.77 -31.66
CA GLY E 215 -16.20 27.92 -32.05
C GLY E 215 -16.76 27.85 -33.45
N PRO E 216 -15.88 27.79 -34.46
CA PRO E 216 -16.36 27.83 -35.85
C PRO E 216 -17.34 26.72 -36.20
N TYR E 217 -17.19 25.53 -35.63
CA TYR E 217 -18.12 24.44 -35.92
C TYR E 217 -19.52 24.78 -35.44
N ASN E 218 -19.63 25.39 -34.26
CA ASN E 218 -20.94 25.60 -33.65
C ASN E 218 -21.65 26.84 -34.15
N VAL E 219 -20.92 27.88 -34.57
CA VAL E 219 -21.59 29.05 -35.11
C VAL E 219 -22.24 28.72 -36.45
N SER E 220 -21.66 27.76 -37.18
CA SER E 220 -22.27 27.33 -38.44
C SER E 220 -23.69 26.83 -38.22
N HIS E 221 -23.95 26.22 -37.07
CA HIS E 221 -25.32 25.87 -36.71
C HIS E 221 -26.16 27.11 -36.52
N LEU E 222 -25.58 28.16 -35.93
CA LEU E 222 -26.34 29.38 -35.66
C LEU E 222 -26.67 30.11 -36.95
N VAL E 223 -25.68 30.32 -37.82
CA VAL E 223 -25.96 31.02 -39.08
C VAL E 223 -26.76 30.15 -40.03
N GLY E 224 -26.52 28.83 -40.03
CA GLY E 224 -27.26 27.96 -40.92
C GLY E 224 -28.76 28.00 -40.67
N TYR E 225 -29.16 28.04 -39.40
CA TYR E 225 -30.58 28.21 -39.10
C TYR E 225 -31.08 29.57 -39.56
N HIS E 226 -30.24 30.59 -39.49
CA HIS E 226 -30.63 31.91 -40.02
C HIS E 226 -30.78 31.82 -41.54
N GLN E 227 -29.73 31.38 -42.24
CA GLN E 227 -29.75 31.33 -43.73
C GLN E 227 -30.76 30.30 -44.24
N ARG E 228 -31.19 29.36 -43.39
CA ARG E 228 -32.07 28.24 -43.84
C ARG E 228 -31.26 27.41 -44.84
N LYS E 229 -29.93 27.44 -44.73
CA LYS E 229 -29.04 26.72 -45.66
C LYS E 229 -27.82 26.25 -44.85
N SER E 230 -27.49 24.97 -44.94
CA SER E 230 -26.36 24.42 -44.17
C SER E 230 -25.06 24.95 -44.76
N PRO E 231 -24.25 25.69 -43.98
CA PRO E 231 -23.04 26.29 -44.50
C PRO E 231 -22.09 25.35 -45.24
N TRP E 232 -21.76 25.64 -46.49
CA TRP E 232 -20.75 24.77 -47.13
C TRP E 232 -19.51 24.64 -46.25
N TRP E 233 -19.26 25.62 -45.37
CA TRP E 233 -17.98 25.64 -44.62
C TRP E 233 -17.98 24.68 -43.42
N ARG E 234 -19.08 23.97 -43.17
CA ARG E 234 -19.11 23.12 -41.95
C ARG E 234 -17.90 22.20 -42.01
N SER E 235 -17.61 21.65 -43.19
CA SER E 235 -16.47 20.71 -43.33
C SER E 235 -15.14 21.44 -43.15
N ILE E 236 -15.06 22.69 -43.60
CA ILE E 236 -13.79 23.45 -43.35
C ILE E 236 -13.88 23.99 -41.92
N ALA E 237 -15.04 23.84 -41.28
CA ALA E 237 -15.14 24.29 -39.90
C ALA E 237 -14.83 23.18 -38.91
N VAL E 238 -15.15 21.93 -39.26
CA VAL E 238 -14.96 20.82 -38.34
C VAL E 238 -13.48 20.54 -38.10
N VAL E 239 -12.64 20.77 -39.10
CA VAL E 239 -11.21 20.51 -38.94
C VAL E 239 -10.65 21.37 -37.81
N PHE E 240 -11.13 22.61 -37.69
CA PHE E 240 -10.80 23.42 -36.52
C PHE E 240 -11.32 22.77 -35.23
N SER E 241 -12.55 22.24 -35.29
CA SER E 241 -13.11 21.58 -34.10
C SER E 241 -12.34 20.31 -33.77
N SER E 242 -11.94 19.54 -34.79
CA SER E 242 -11.16 18.33 -34.54
C SER E 242 -9.70 18.65 -34.24
N LEU E 243 -9.29 19.91 -34.41
CA LEU E 243 -7.92 20.29 -34.08
C LEU E 243 -7.65 20.16 -32.58
N ASN E 244 -8.69 20.33 -31.76
CA ASN E 244 -8.52 20.25 -30.32
C ASN E 244 -8.06 18.87 -29.86
N ALA E 245 -8.35 17.82 -30.63
CA ALA E 245 -7.92 16.48 -30.27
C ALA E 245 -6.40 16.33 -30.32
N SER E 246 -5.71 17.21 -31.05
CA SER E 246 -4.26 17.14 -31.13
C SER E 246 -3.59 17.98 -30.05
N LEU E 247 -4.15 19.15 -29.72
CA LEU E 247 -3.59 20.02 -28.71
C LEU E 247 -4.00 19.62 -27.29
N ASP E 248 -4.99 18.74 -27.14
CA ASP E 248 -5.41 18.33 -25.80
C ASP E 248 -4.28 17.66 -25.01
N PRO E 249 -3.52 16.64 -25.47
CA PRO E 249 -2.46 16.11 -24.63
C PRO E 249 -1.41 17.20 -24.43
N LEU E 250 -1.35 18.15 -25.35
CA LEU E 250 -0.27 19.17 -25.24
C LEU E 250 -0.52 20.08 -24.04
N LEU E 251 -1.76 20.53 -23.86
CA LEU E 251 -1.97 21.51 -22.76
C LEU E 251 -2.32 20.79 -21.46
N PHE E 252 -2.54 19.48 -21.49
CA PHE E 252 -2.99 18.80 -20.24
C PHE E 252 -2.01 17.71 -19.81
N TYR E 253 -1.06 17.36 -20.66
CA TYR E 253 -0.10 16.28 -20.33
C TYR E 253 1.33 16.69 -20.67
N PHE E 254 1.51 17.45 -21.76
CA PHE E 254 2.88 17.81 -22.18
C PHE E 254 3.19 19.28 -21.87
N SER E 255 2.31 19.97 -21.16
CA SER E 255 2.65 21.36 -20.77
C SER E 255 3.87 21.34 -19.85
N SER E 256 4.39 20.15 -19.53
CA SER E 256 5.50 20.09 -18.56
C SER E 256 6.80 20.49 -19.25
N SER E 257 6.84 21.68 -19.86
CA SER E 257 8.06 22.19 -20.54
C SER E 257 8.65 21.09 -21.44
N VAL E 258 7.81 20.37 -22.17
CA VAL E 258 8.28 19.33 -23.13
C VAL E 258 7.55 19.52 -24.46
#